data_2LA2
#
_entry.id   2LA2
#
_entity_poly.entity_id   1
_entity_poly.type   'polypeptide(L)'
_entity_poly.pdbx_seq_one_letter_code
;RWKIFKKIEKVGRNVRDGIIKAGPAVAVVGQAATVVK(NH2)
;
_entity_poly.pdbx_strand_id   A
#
# COMPACT_ATOMS: atom_id res chain seq x y z
N ARG A 1 -14.70 -10.33 9.08
CA ARG A 1 -14.43 -11.01 10.34
C ARG A 1 -13.00 -11.54 10.38
N TRP A 2 -12.55 -12.10 9.26
CA TRP A 2 -11.20 -12.65 9.18
C TRP A 2 -10.55 -12.27 7.86
N LYS A 3 -11.23 -12.57 6.76
CA LYS A 3 -10.73 -12.26 5.42
C LYS A 3 -10.35 -10.78 5.31
N ILE A 4 -11.36 -9.91 5.38
CA ILE A 4 -11.14 -8.47 5.28
C ILE A 4 -10.08 -8.02 6.28
N PHE A 5 -10.24 -8.43 7.54
CA PHE A 5 -9.30 -8.06 8.59
C PHE A 5 -7.87 -8.42 8.19
N LYS A 6 -7.61 -9.71 8.04
CA LYS A 6 -6.28 -10.19 7.66
C LYS A 6 -5.79 -9.48 6.39
N LYS A 7 -6.70 -9.31 5.43
CA LYS A 7 -6.37 -8.66 4.17
C LYS A 7 -5.89 -7.22 4.42
N ILE A 8 -6.80 -6.37 4.87
CA ILE A 8 -6.47 -4.98 5.14
C ILE A 8 -5.25 -4.87 6.06
N GLU A 9 -5.19 -5.74 7.07
CA GLU A 9 -4.09 -5.75 8.00
C GLU A 9 -2.77 -6.06 7.30
N LYS A 10 -2.76 -7.12 6.50
CA LYS A 10 -1.58 -7.53 5.75
C LYS A 10 -1.19 -6.47 4.73
N VAL A 11 -2.12 -6.18 3.82
CA VAL A 11 -1.87 -5.19 2.77
C VAL A 11 -1.41 -3.86 3.38
N GLY A 12 -1.97 -3.51 4.53
CA GLY A 12 -1.62 -2.27 5.18
C GLY A 12 -0.13 -2.19 5.49
N ARG A 13 0.41 -3.26 6.08
CA ARG A 13 1.82 -3.30 6.43
C ARG A 13 2.68 -3.60 5.21
N ASN A 14 2.12 -4.39 4.28
CA ASN A 14 2.83 -4.75 3.06
C ASN A 14 3.27 -3.52 2.29
N VAL A 15 2.30 -2.75 1.83
CA VAL A 15 2.58 -1.52 1.08
C VAL A 15 3.56 -0.64 1.83
N ARG A 16 3.23 -0.28 3.06
CA ARG A 16 4.07 0.57 3.87
C ARG A 16 5.50 0.02 3.93
N ASP A 17 5.63 -1.22 4.39
CA ASP A 17 6.93 -1.87 4.49
C ASP A 17 7.66 -1.83 3.15
N GLY A 18 6.92 -2.08 2.07
CA GLY A 18 7.52 -2.07 0.75
C GLY A 18 8.00 -0.70 0.34
N ILE A 19 7.21 0.32 0.63
CA ILE A 19 7.56 1.70 0.28
C ILE A 19 8.70 2.21 1.16
N ILE A 20 8.68 1.80 2.43
CA ILE A 20 9.72 2.21 3.38
C ILE A 20 11.03 1.48 3.11
N LYS A 21 10.94 0.17 2.90
CA LYS A 21 12.12 -0.65 2.64
C LYS A 21 12.93 -0.06 1.47
N ALA A 22 12.38 -0.15 0.27
CA ALA A 22 13.05 0.38 -0.91
C ALA A 22 12.54 1.77 -1.27
N GLY A 23 11.28 1.84 -1.68
CA GLY A 23 10.70 3.13 -2.04
C GLY A 23 10.66 3.33 -3.55
N PRO A 24 9.83 2.54 -4.24
CA PRO A 24 9.68 2.63 -5.69
C PRO A 24 8.97 3.90 -6.13
N ALA A 25 9.00 4.18 -7.43
CA ALA A 25 8.37 5.37 -7.98
C ALA A 25 7.01 5.02 -8.59
N VAL A 26 6.93 3.86 -9.24
CA VAL A 26 5.70 3.42 -9.87
C VAL A 26 4.55 3.39 -8.87
N ALA A 27 4.73 2.65 -7.79
CA ALA A 27 3.70 2.54 -6.75
C ALA A 27 3.31 3.92 -6.23
N VAL A 28 4.31 4.71 -5.85
CA VAL A 28 4.06 6.04 -5.32
C VAL A 28 3.29 6.89 -6.32
N VAL A 29 3.88 7.11 -7.49
CA VAL A 29 3.24 7.90 -8.54
C VAL A 29 1.84 7.39 -8.83
N GLY A 30 1.73 6.10 -9.10
CA GLY A 30 0.44 5.51 -9.40
C GLY A 30 -0.57 5.73 -8.29
N GLN A 31 -0.24 5.25 -7.09
CA GLN A 31 -1.13 5.40 -5.94
C GLN A 31 -1.52 6.86 -5.74
N ALA A 32 -0.53 7.72 -5.58
CA ALA A 32 -0.77 9.14 -5.38
C ALA A 32 -1.66 9.70 -6.48
N ALA A 33 -1.24 9.52 -7.74
CA ALA A 33 -2.01 10.01 -8.87
C ALA A 33 -3.44 9.49 -8.84
N THR A 34 -3.60 8.21 -8.52
CA THR A 34 -4.92 7.60 -8.46
C THR A 34 -5.75 8.20 -7.33
N VAL A 35 -5.11 8.42 -6.18
CA VAL A 35 -5.79 9.00 -5.02
C VAL A 35 -6.16 10.45 -5.28
N VAL A 36 -5.28 11.18 -5.96
CA VAL A 36 -5.52 12.58 -6.26
C VAL A 36 -6.57 12.72 -7.36
N LYS A 37 -6.31 12.10 -8.51
CA LYS A 37 -7.22 12.16 -9.64
C LYS A 37 -8.09 10.90 -9.71
N ARG A 1 -15.32 -10.75 8.98
CA ARG A 1 -14.13 -10.77 9.82
C ARG A 1 -12.97 -11.49 9.13
N TRP A 2 -12.72 -11.12 7.88
CA TRP A 2 -11.65 -11.73 7.10
C TRP A 2 -11.06 -10.74 6.12
N LYS A 3 -11.89 -10.24 5.22
CA LYS A 3 -11.45 -9.28 4.21
C LYS A 3 -10.78 -8.08 4.87
N ILE A 4 -11.50 -7.39 5.74
CA ILE A 4 -10.97 -6.22 6.43
C ILE A 4 -9.71 -6.58 7.21
N PHE A 5 -9.81 -7.59 8.06
CA PHE A 5 -8.67 -8.05 8.86
C PHE A 5 -7.46 -8.28 7.98
N LYS A 6 -7.58 -9.23 7.05
CA LYS A 6 -6.48 -9.57 6.16
C LYS A 6 -5.97 -8.32 5.44
N LYS A 7 -6.90 -7.54 4.89
CA LYS A 7 -6.55 -6.32 4.18
C LYS A 7 -5.72 -5.39 5.05
N ILE A 8 -6.33 -4.87 6.12
CA ILE A 8 -5.65 -3.99 7.04
C ILE A 8 -4.33 -4.59 7.51
N GLU A 9 -4.36 -5.87 7.85
CA GLU A 9 -3.17 -6.57 8.31
C GLU A 9 -2.07 -6.53 7.26
N LYS A 10 -2.44 -6.81 6.02
CA LYS A 10 -1.48 -6.81 4.92
C LYS A 10 -0.99 -5.40 4.62
N VAL A 11 -1.90 -4.43 4.71
CA VAL A 11 -1.56 -3.04 4.46
C VAL A 11 -0.46 -2.55 5.40
N GLY A 12 -0.47 -3.07 6.63
CA GLY A 12 0.53 -2.68 7.61
C GLY A 12 1.93 -3.00 7.15
N ARG A 13 2.14 -4.23 6.68
CA ARG A 13 3.46 -4.65 6.22
C ARG A 13 3.71 -4.15 4.80
N ASN A 14 2.66 -4.08 3.99
CA ASN A 14 2.78 -3.63 2.62
C ASN A 14 3.40 -2.24 2.56
N VAL A 15 2.69 -1.26 3.14
CA VAL A 15 3.18 0.12 3.16
C VAL A 15 4.61 0.20 3.68
N ARG A 16 4.82 -0.32 4.89
CA ARG A 16 6.14 -0.31 5.50
C ARG A 16 7.18 -0.90 4.56
N ASP A 17 6.98 -2.15 4.15
CA ASP A 17 7.91 -2.82 3.24
C ASP A 17 8.14 -1.98 1.99
N GLY A 18 7.07 -1.38 1.48
CA GLY A 18 7.18 -0.57 0.28
C GLY A 18 8.01 0.68 0.51
N ILE A 19 7.78 1.34 1.65
CA ILE A 19 8.52 2.56 1.98
C ILE A 19 9.97 2.26 2.32
N ILE A 20 10.20 1.11 2.96
CA ILE A 20 11.54 0.70 3.35
C ILE A 20 12.33 0.21 2.13
N LYS A 21 11.77 -0.76 1.42
CA LYS A 21 12.40 -1.31 0.24
C LYS A 21 12.77 -0.21 -0.75
N ALA A 22 11.77 0.35 -1.42
CA ALA A 22 11.98 1.41 -2.39
C ALA A 22 11.87 2.78 -1.73
N GLY A 23 10.63 3.19 -1.45
CA GLY A 23 10.40 4.48 -0.83
C GLY A 23 8.94 4.83 -0.73
N PRO A 24 8.64 6.06 -0.31
CA PRO A 24 7.25 6.54 -0.17
C PRO A 24 6.57 6.74 -1.51
N ALA A 25 7.36 6.98 -2.55
CA ALA A 25 6.83 7.18 -3.90
C ALA A 25 5.91 6.04 -4.29
N VAL A 26 6.25 4.82 -3.86
CA VAL A 26 5.46 3.65 -4.17
C VAL A 26 4.00 3.84 -3.77
N ALA A 27 3.79 4.25 -2.52
CA ALA A 27 2.44 4.48 -2.02
C ALA A 27 1.80 5.68 -2.70
N VAL A 28 2.53 6.78 -2.79
CA VAL A 28 2.03 8.00 -3.41
C VAL A 28 1.55 7.71 -4.84
N VAL A 29 2.32 6.91 -5.57
CA VAL A 29 1.97 6.56 -6.94
C VAL A 29 0.87 5.51 -6.98
N GLY A 30 1.09 4.41 -6.26
CA GLY A 30 0.11 3.34 -6.22
C GLY A 30 -1.27 3.82 -5.82
N GLN A 31 -1.33 4.53 -4.70
CA GLN A 31 -2.60 5.06 -4.20
C GLN A 31 -3.31 5.88 -5.26
N ALA A 32 -2.68 6.99 -5.66
CA ALA A 32 -3.26 7.86 -6.68
C ALA A 32 -3.64 7.08 -7.93
N ALA A 33 -2.68 6.30 -8.46
CA ALA A 33 -2.92 5.50 -9.65
C ALA A 33 -4.15 4.62 -9.48
N THR A 34 -4.25 3.96 -8.34
CA THR A 34 -5.38 3.08 -8.06
C THR A 34 -6.67 3.87 -7.92
N VAL A 35 -6.58 5.04 -7.27
CA VAL A 35 -7.75 5.88 -7.08
C VAL A 35 -8.26 6.43 -8.41
N VAL A 36 -7.32 6.79 -9.29
CA VAL A 36 -7.68 7.33 -10.60
C VAL A 36 -8.13 6.23 -11.54
N LYS A 37 -7.40 5.11 -11.54
CA LYS A 37 -7.73 3.98 -12.40
C LYS A 37 -9.08 3.38 -12.01
N ARG A 1 -7.35 -14.99 13.83
CA ARG A 1 -8.80 -15.10 13.98
C ARG A 1 -9.54 -14.26 12.95
N TRP A 2 -10.77 -14.65 12.64
CA TRP A 2 -11.58 -13.92 11.67
C TRP A 2 -10.94 -13.95 10.29
N LYS A 3 -11.39 -14.85 9.44
CA LYS A 3 -10.85 -14.99 8.09
C LYS A 3 -10.94 -13.66 7.34
N ILE A 4 -12.15 -13.13 7.23
CA ILE A 4 -12.36 -11.86 6.54
C ILE A 4 -11.52 -10.74 7.18
N PHE A 5 -11.69 -10.55 8.47
CA PHE A 5 -10.95 -9.53 9.20
C PHE A 5 -9.45 -9.64 8.93
N LYS A 6 -8.88 -10.79 9.27
CA LYS A 6 -7.46 -11.03 9.07
C LYS A 6 -7.07 -10.80 7.62
N LYS A 7 -7.85 -11.38 6.71
CA LYS A 7 -7.58 -11.24 5.28
C LYS A 7 -7.54 -9.76 4.88
N ILE A 8 -8.68 -9.10 4.99
CA ILE A 8 -8.78 -7.69 4.65
C ILE A 8 -7.69 -6.87 5.33
N GLU A 9 -7.49 -7.15 6.62
CA GLU A 9 -6.48 -6.43 7.40
C GLU A 9 -5.09 -6.64 6.80
N LYS A 10 -4.78 -7.88 6.45
CA LYS A 10 -3.48 -8.21 5.86
C LYS A 10 -3.35 -7.60 4.46
N VAL A 11 -4.44 -7.61 3.71
CA VAL A 11 -4.44 -7.07 2.36
C VAL A 11 -4.06 -5.59 2.37
N GLY A 12 -4.37 -4.91 3.46
CA GLY A 12 -4.05 -3.50 3.58
C GLY A 12 -2.60 -3.26 3.93
N ARG A 13 -2.04 -4.16 4.75
CA ARG A 13 -0.65 -4.03 5.17
C ARG A 13 0.29 -4.55 4.08
N ASN A 14 -0.15 -5.57 3.36
CA ASN A 14 0.64 -6.15 2.28
C ASN A 14 1.05 -5.09 1.27
N VAL A 15 0.06 -4.47 0.63
CA VAL A 15 0.32 -3.44 -0.36
C VAL A 15 1.26 -2.37 0.19
N ARG A 16 0.85 -1.75 1.30
CA ARG A 16 1.66 -0.70 1.91
C ARG A 16 3.09 -1.19 2.15
N ASP A 17 3.23 -2.27 2.91
CA ASP A 17 4.54 -2.84 3.21
C ASP A 17 5.34 -3.07 1.92
N GLY A 18 4.66 -3.57 0.89
CA GLY A 18 5.31 -3.84 -0.37
C GLY A 18 5.77 -2.57 -1.06
N ILE A 19 4.91 -1.55 -1.06
CA ILE A 19 5.24 -0.28 -1.69
C ILE A 19 6.32 0.46 -0.92
N ILE A 20 6.30 0.33 0.40
CA ILE A 20 7.28 0.98 1.26
C ILE A 20 8.62 0.26 1.20
N LYS A 21 8.57 -1.07 1.30
CA LYS A 21 9.78 -1.88 1.26
C LYS A 21 10.47 -1.78 -0.10
N ALA A 22 9.69 -1.47 -1.13
CA ALA A 22 10.22 -1.33 -2.48
C ALA A 22 11.39 -0.36 -2.51
N GLY A 23 11.12 0.91 -2.23
CA GLY A 23 12.16 1.91 -2.23
C GLY A 23 11.76 3.17 -2.98
N PRO A 24 11.67 3.06 -4.30
CA PRO A 24 11.29 4.18 -5.16
C PRO A 24 9.82 4.58 -5.00
N ALA A 25 9.58 5.51 -4.08
CA ALA A 25 8.22 5.98 -3.82
C ALA A 25 7.95 7.31 -4.52
N VAL A 26 9.02 8.07 -4.77
CA VAL A 26 8.90 9.35 -5.44
C VAL A 26 8.11 9.24 -6.74
N ALA A 27 8.57 8.38 -7.64
CA ALA A 27 7.90 8.16 -8.91
C ALA A 27 6.43 7.79 -8.71
N VAL A 28 6.20 6.72 -7.95
CA VAL A 28 4.84 6.27 -7.68
C VAL A 28 3.97 7.40 -7.16
N VAL A 29 4.37 7.95 -6.00
CA VAL A 29 3.63 9.05 -5.39
C VAL A 29 3.40 10.18 -6.39
N GLY A 30 4.48 10.70 -6.95
CA GLY A 30 4.37 11.79 -7.91
C GLY A 30 3.40 11.47 -9.04
N GLN A 31 3.49 10.25 -9.56
CA GLN A 31 2.62 9.81 -10.65
C GLN A 31 1.15 9.92 -10.24
N ALA A 32 0.73 9.08 -9.30
CA ALA A 32 -0.64 9.08 -8.83
C ALA A 32 -1.08 10.48 -8.41
N ALA A 33 -0.20 11.18 -7.68
CA ALA A 33 -0.48 12.53 -7.23
C ALA A 33 -0.77 13.47 -8.39
N THR A 34 0.11 13.43 -9.40
CA THR A 34 -0.05 14.27 -10.57
C THR A 34 -1.27 13.87 -11.39
N VAL A 35 -1.52 12.56 -11.45
CA VAL A 35 -2.66 12.04 -12.21
C VAL A 35 -3.97 12.42 -11.54
N VAL A 36 -4.01 12.30 -10.21
CA VAL A 36 -5.21 12.64 -9.45
C VAL A 36 -5.40 14.15 -9.36
N LYS A 37 -4.35 14.86 -8.97
CA LYS A 37 -4.40 16.31 -8.85
C LYS A 37 -4.84 16.95 -10.16
N ARG A 1 -14.38 -10.53 10.14
CA ARG A 1 -13.56 -11.39 11.00
C ARG A 1 -12.27 -11.77 10.31
N TRP A 2 -12.30 -11.82 8.98
CA TRP A 2 -11.12 -12.17 8.20
C TRP A 2 -10.88 -11.17 7.08
N LYS A 3 -11.93 -10.89 6.31
CA LYS A 3 -11.84 -9.95 5.20
C LYS A 3 -11.31 -8.60 5.67
N ILE A 4 -12.03 -7.99 6.61
CA ILE A 4 -11.64 -6.70 7.16
C ILE A 4 -10.23 -6.75 7.74
N PHE A 5 -10.00 -7.71 8.64
CA PHE A 5 -8.70 -7.87 9.27
C PHE A 5 -7.59 -7.96 8.22
N LYS A 6 -7.68 -8.97 7.37
CA LYS A 6 -6.68 -9.17 6.32
C LYS A 6 -6.53 -7.91 5.46
N LYS A 7 -7.67 -7.35 5.05
CA LYS A 7 -7.66 -6.13 4.23
C LYS A 7 -6.90 -5.01 4.93
N ILE A 8 -7.44 -4.55 6.04
CA ILE A 8 -6.81 -3.47 6.80
C ILE A 8 -5.35 -3.78 7.08
N GLU A 9 -5.08 -5.02 7.48
CA GLU A 9 -3.71 -5.45 7.78
C GLU A 9 -2.81 -5.30 6.56
N LYS A 10 -3.30 -5.75 5.41
CA LYS A 10 -2.53 -5.67 4.17
C LYS A 10 -2.39 -4.22 3.73
N VAL A 11 -3.43 -3.42 3.94
CA VAL A 11 -3.40 -2.01 3.55
C VAL A 11 -2.33 -1.26 4.33
N GLY A 12 -2.05 -1.72 5.54
CA GLY A 12 -1.03 -1.07 6.36
C GLY A 12 0.37 -1.55 6.04
N ARG A 13 0.48 -2.82 5.65
CA ARG A 13 1.77 -3.39 5.31
C ARG A 13 2.20 -2.99 3.90
N ASN A 14 1.23 -2.89 3.00
CA ASN A 14 1.50 -2.51 1.62
C ASN A 14 2.30 -1.21 1.55
N VAL A 15 1.68 -0.12 2.02
CA VAL A 15 2.32 1.19 2.02
C VAL A 15 3.70 1.12 2.68
N ARG A 16 3.73 0.61 3.90
CA ARG A 16 4.99 0.49 4.63
C ARG A 16 6.05 -0.22 3.80
N ASP A 17 5.79 -1.48 3.46
CA ASP A 17 6.72 -2.27 2.66
C ASP A 17 7.11 -1.53 1.39
N GLY A 18 6.13 -0.88 0.77
CA GLY A 18 6.39 -0.13 -0.45
C GLY A 18 7.35 1.02 -0.24
N ILE A 19 7.12 1.78 0.84
CA ILE A 19 7.96 2.92 1.16
C ILE A 19 9.34 2.46 1.64
N ILE A 20 9.38 1.34 2.36
CA ILE A 20 10.63 0.81 2.88
C ILE A 20 11.47 0.20 1.75
N LYS A 21 10.81 -0.55 0.88
CA LYS A 21 11.49 -1.19 -0.24
C LYS A 21 11.99 -0.15 -1.25
N ALA A 22 11.06 0.45 -1.98
CA ALA A 22 11.41 1.47 -2.97
C ALA A 22 12.16 2.62 -2.33
N GLY A 23 11.47 3.40 -1.50
CA GLY A 23 12.10 4.52 -0.83
C GLY A 23 11.29 5.80 -0.97
N PRO A 24 11.27 6.37 -2.18
CA PRO A 24 10.53 7.60 -2.46
C PRO A 24 9.02 7.39 -2.43
N ALA A 25 8.31 8.37 -1.89
CA ALA A 25 6.85 8.30 -1.80
C ALA A 25 6.20 8.59 -3.15
N VAL A 26 6.91 9.34 -3.99
CA VAL A 26 6.40 9.68 -5.31
C VAL A 26 5.95 8.45 -6.07
N ALA A 27 6.78 7.41 -6.05
CA ALA A 27 6.45 6.16 -6.73
C ALA A 27 5.28 5.46 -6.08
N VAL A 28 5.38 5.25 -4.77
CA VAL A 28 4.32 4.60 -4.01
C VAL A 28 2.98 5.28 -4.23
N VAL A 29 3.00 6.61 -4.28
CA VAL A 29 1.78 7.38 -4.48
C VAL A 29 1.33 7.33 -5.94
N GLY A 30 2.23 7.73 -6.84
CA GLY A 30 1.90 7.71 -8.26
C GLY A 30 1.40 6.36 -8.72
N GLN A 31 2.15 5.31 -8.42
CA GLN A 31 1.78 3.96 -8.82
C GLN A 31 0.37 3.63 -8.36
N ALA A 32 0.18 3.58 -7.03
CA ALA A 32 -1.13 3.28 -6.46
C ALA A 32 -2.21 4.18 -7.05
N ALA A 33 -1.98 5.49 -7.00
CA ALA A 33 -2.93 6.45 -7.53
C ALA A 33 -3.31 6.12 -8.96
N THR A 34 -2.32 5.81 -9.80
CA THR A 34 -2.55 5.47 -11.18
C THR A 34 -3.29 4.15 -11.31
N VAL A 35 -2.92 3.18 -10.47
CA VAL A 35 -3.55 1.87 -10.49
C VAL A 35 -5.02 1.96 -10.08
N VAL A 36 -5.30 2.81 -9.09
CA VAL A 36 -6.66 2.98 -8.60
C VAL A 36 -7.47 3.86 -9.55
N LYS A 37 -6.86 4.95 -10.01
CA LYS A 37 -7.53 5.87 -10.93
C LYS A 37 -7.78 5.20 -12.28
N ARG A 1 -10.43 -16.33 15.11
CA ARG A 1 -9.85 -15.87 13.86
C ARG A 1 -10.87 -15.12 13.02
N TRP A 2 -10.52 -13.90 12.62
CA TRP A 2 -11.41 -13.08 11.82
C TRP A 2 -10.99 -13.08 10.35
N LYS A 3 -11.77 -13.76 9.51
CA LYS A 3 -11.46 -13.85 8.09
C LYS A 3 -11.36 -12.45 7.48
N ILE A 4 -12.47 -11.72 7.46
CA ILE A 4 -12.49 -10.38 6.91
C ILE A 4 -11.38 -9.51 7.50
N PHE A 5 -11.34 -9.46 8.83
CA PHE A 5 -10.33 -8.67 9.53
C PHE A 5 -8.93 -9.03 9.04
N LYS A 6 -8.55 -10.29 9.22
CA LYS A 6 -7.23 -10.76 8.79
C LYS A 6 -6.99 -10.43 7.33
N LYS A 7 -8.01 -10.62 6.50
CA LYS A 7 -7.91 -10.35 5.07
C LYS A 7 -7.61 -8.87 4.82
N ILE A 8 -8.57 -8.02 5.16
CA ILE A 8 -8.42 -6.58 4.97
C ILE A 8 -7.12 -6.09 5.60
N GLU A 9 -6.80 -6.61 6.77
CA GLU A 9 -5.58 -6.22 7.48
C GLU A 9 -4.34 -6.64 6.69
N LYS A 10 -4.31 -7.89 6.26
CA LYS A 10 -3.18 -8.41 5.49
C LYS A 10 -3.05 -7.70 4.16
N VAL A 11 -4.10 -7.76 3.34
CA VAL A 11 -4.11 -7.11 2.04
C VAL A 11 -3.80 -5.63 2.17
N GLY A 12 -4.18 -5.04 3.30
CA GLY A 12 -3.92 -3.63 3.52
C GLY A 12 -2.47 -3.34 3.81
N ARG A 13 -1.87 -4.13 4.69
CA ARG A 13 -0.47 -3.94 5.06
C ARG A 13 0.45 -4.39 3.92
N ASN A 14 0.02 -5.40 3.18
CA ASN A 14 0.80 -5.91 2.06
C ASN A 14 1.17 -4.80 1.10
N VAL A 15 0.16 -4.20 0.47
CA VAL A 15 0.39 -3.12 -0.48
C VAL A 15 1.27 -2.03 0.13
N ARG A 16 0.86 -1.53 1.28
CA ARG A 16 1.61 -0.47 1.97
C ARG A 16 3.08 -0.87 2.12
N ASP A 17 3.31 -1.95 2.87
CA ASP A 17 4.67 -2.44 3.09
C ASP A 17 5.42 -2.61 1.77
N GLY A 18 4.71 -3.13 0.77
CA GLY A 18 5.33 -3.34 -0.53
C GLY A 18 5.74 -2.04 -1.19
N ILE A 19 4.87 -1.04 -1.13
CA ILE A 19 5.15 0.26 -1.73
C ILE A 19 6.21 1.01 -0.93
N ILE A 20 6.18 0.84 0.38
CA ILE A 20 7.14 1.50 1.26
C ILE A 20 8.52 0.87 1.14
N LYS A 21 8.59 -0.44 1.38
CA LYS A 21 9.85 -1.16 1.30
C LYS A 21 10.48 -1.02 -0.08
N ALA A 22 9.63 -0.82 -1.09
CA ALA A 22 10.11 -0.67 -2.46
C ALA A 22 11.19 0.41 -2.55
N GLY A 23 10.77 1.68 -2.47
CA GLY A 23 11.71 2.77 -2.54
C GLY A 23 11.32 3.81 -3.59
N PRO A 24 11.54 3.47 -4.86
CA PRO A 24 11.20 4.36 -5.98
C PRO A 24 9.70 4.53 -6.17
N ALA A 25 8.94 3.51 -5.76
CA ALA A 25 7.49 3.55 -5.89
C ALA A 25 6.92 4.83 -5.28
N VAL A 26 7.58 5.34 -4.26
CA VAL A 26 7.15 6.55 -3.58
C VAL A 26 7.00 7.71 -4.58
N ALA A 27 8.13 8.17 -5.11
CA ALA A 27 8.13 9.25 -6.07
C ALA A 27 7.24 8.93 -7.28
N VAL A 28 7.36 7.72 -7.79
CA VAL A 28 6.56 7.28 -8.92
C VAL A 28 5.08 7.45 -8.66
N VAL A 29 4.57 6.73 -7.67
CA VAL A 29 3.16 6.81 -7.31
C VAL A 29 2.75 8.23 -6.94
N GLY A 30 3.55 8.85 -6.07
CA GLY A 30 3.26 10.22 -5.64
C GLY A 30 3.12 11.16 -6.82
N GLN A 31 4.06 11.09 -7.76
CA GLN A 31 4.04 11.95 -8.93
C GLN A 31 2.73 11.78 -9.71
N ALA A 32 2.54 10.60 -10.26
CA ALA A 32 1.33 10.31 -11.04
C ALA A 32 0.08 10.65 -10.23
N ALA A 33 0.04 10.23 -8.97
CA ALA A 33 -1.10 10.50 -8.11
C ALA A 33 -1.36 11.99 -7.98
N THR A 34 -0.30 12.75 -7.71
CA THR A 34 -0.41 14.19 -7.57
C THR A 34 -0.80 14.85 -8.89
N VAL A 35 -0.26 14.33 -9.99
CA VAL A 35 -0.56 14.87 -11.31
C VAL A 35 -2.00 14.60 -11.70
N VAL A 36 -2.47 13.39 -11.39
CA VAL A 36 -3.84 13.00 -11.71
C VAL A 36 -4.83 13.67 -10.78
N LYS A 37 -4.62 13.50 -9.47
CA LYS A 37 -5.50 14.10 -8.47
C LYS A 37 -5.21 15.58 -8.31
N ARG A 1 -14.56 -14.08 7.69
CA ARG A 1 -14.15 -13.28 6.55
C ARG A 1 -12.83 -12.57 6.83
N TRP A 2 -12.65 -12.14 8.08
CA TRP A 2 -11.42 -11.45 8.47
C TRP A 2 -11.18 -10.23 7.60
N LYS A 3 -12.25 -9.55 7.22
CA LYS A 3 -12.16 -8.36 6.39
C LYS A 3 -11.26 -7.31 7.03
N ILE A 4 -11.72 -6.75 8.15
CA ILE A 4 -10.96 -5.74 8.87
C ILE A 4 -9.55 -6.22 9.16
N PHE A 5 -9.43 -7.42 9.71
CA PHE A 5 -8.13 -8.00 10.02
C PHE A 5 -7.21 -7.99 8.81
N LYS A 6 -7.62 -8.71 7.77
CA LYS A 6 -6.85 -8.79 6.53
C LYS A 6 -6.54 -7.40 5.99
N LYS A 7 -7.54 -6.51 6.05
CA LYS A 7 -7.37 -5.15 5.57
C LYS A 7 -6.29 -4.42 6.34
N ILE A 8 -6.54 -4.17 7.63
CA ILE A 8 -5.59 -3.48 8.48
C ILE A 8 -4.22 -4.14 8.42
N GLU A 9 -4.21 -5.48 8.46
CA GLU A 9 -2.95 -6.22 8.40
C GLU A 9 -2.22 -5.97 7.09
N LYS A 10 -2.87 -6.29 5.98
CA LYS A 10 -2.28 -6.08 4.66
C LYS A 10 -1.84 -4.64 4.48
N VAL A 11 -2.79 -3.71 4.64
CA VAL A 11 -2.50 -2.30 4.50
C VAL A 11 -1.30 -1.88 5.35
N GLY A 12 -1.12 -2.57 6.48
CA GLY A 12 -0.01 -2.26 7.36
C GLY A 12 1.33 -2.64 6.76
N ARG A 13 1.41 -3.84 6.19
CA ARG A 13 2.64 -4.32 5.58
C ARG A 13 2.86 -3.67 4.22
N ASN A 14 1.77 -3.34 3.54
CA ASN A 14 1.85 -2.71 2.23
C ASN A 14 2.68 -1.44 2.29
N VAL A 15 2.18 -0.43 2.99
CA VAL A 15 2.89 0.84 3.13
C VAL A 15 4.32 0.63 3.59
N ARG A 16 4.49 -0.10 4.69
CA ARG A 16 5.81 -0.38 5.24
C ARG A 16 6.73 -0.94 4.17
N ASP A 17 6.36 -2.09 3.62
CA ASP A 17 7.15 -2.74 2.57
C ASP A 17 7.42 -1.78 1.42
N GLY A 18 6.40 -1.01 1.06
CA GLY A 18 6.55 -0.06 -0.03
C GLY A 18 7.57 1.02 0.27
N ILE A 19 7.52 1.55 1.49
CA ILE A 19 8.45 2.60 1.90
C ILE A 19 9.84 2.04 2.12
N ILE A 20 9.91 0.81 2.63
CA ILE A 20 11.19 0.16 2.88
C ILE A 20 11.86 -0.26 1.58
N LYS A 21 11.08 -0.83 0.67
CA LYS A 21 11.60 -1.26 -0.62
C LYS A 21 12.36 -0.14 -1.31
N ALA A 22 11.63 0.86 -1.78
CA ALA A 22 12.23 1.99 -2.46
C ALA A 22 12.51 3.13 -1.50
N GLY A 23 11.47 3.84 -1.10
CA GLY A 23 11.62 4.95 -0.17
C GLY A 23 10.41 5.85 -0.13
N PRO A 24 10.21 6.64 -1.20
CA PRO A 24 9.07 7.56 -1.31
C PRO A 24 7.75 6.83 -1.48
N ALA A 25 6.73 7.29 -0.74
CA ALA A 25 5.41 6.69 -0.81
C ALA A 25 4.60 7.28 -1.96
N VAL A 26 4.91 8.51 -2.33
CA VAL A 26 4.21 9.19 -3.41
C VAL A 26 4.17 8.32 -4.67
N ALA A 27 5.26 7.62 -4.93
CA ALA A 27 5.35 6.75 -6.10
C ALA A 27 4.43 5.54 -5.96
N VAL A 28 4.62 4.79 -4.89
CA VAL A 28 3.81 3.60 -4.63
C VAL A 28 2.32 3.96 -4.59
N VAL A 29 2.01 5.12 -4.04
CA VAL A 29 0.63 5.59 -3.94
C VAL A 29 0.11 6.05 -5.29
N GLY A 30 0.81 7.01 -5.89
CA GLY A 30 0.40 7.53 -7.19
C GLY A 30 0.30 6.44 -8.24
N GLN A 31 1.34 5.63 -8.36
CA GLN A 31 1.36 4.54 -9.34
C GLN A 31 0.18 3.61 -9.14
N ALA A 32 0.12 3.00 -7.96
CA ALA A 32 -0.96 2.07 -7.63
C ALA A 32 -2.33 2.72 -7.84
N ALA A 33 -2.48 3.93 -7.31
CA ALA A 33 -3.74 4.66 -7.44
C ALA A 33 -4.10 4.87 -8.90
N THR A 34 -3.12 5.29 -9.69
CA THR A 34 -3.34 5.52 -11.12
C THR A 34 -3.65 4.23 -11.86
N VAL A 35 -2.95 3.16 -11.49
CA VAL A 35 -3.15 1.86 -12.11
C VAL A 35 -4.52 1.29 -11.75
N VAL A 36 -4.91 1.45 -10.49
CA VAL A 36 -6.20 0.95 -10.02
C VAL A 36 -7.34 1.80 -10.54
N LYS A 37 -7.25 3.11 -10.32
CA LYS A 37 -8.28 4.03 -10.77
C LYS A 37 -8.34 4.09 -12.30
N ARG A 1 -13.36 -16.63 10.47
CA ARG A 1 -12.01 -16.84 10.98
C ARG A 1 -11.16 -15.59 10.79
N TRP A 2 -11.71 -14.45 11.19
CA TRP A 2 -11.00 -13.18 11.07
C TRP A 2 -10.50 -12.97 9.64
N LYS A 3 -11.27 -13.47 8.67
CA LYS A 3 -10.91 -13.33 7.28
C LYS A 3 -10.67 -11.87 6.91
N ILE A 4 -11.73 -11.06 6.99
CA ILE A 4 -11.63 -9.65 6.67
C ILE A 4 -10.51 -8.98 7.46
N PHE A 5 -10.52 -9.19 8.77
CA PHE A 5 -9.51 -8.61 9.65
C PHE A 5 -8.11 -8.95 9.15
N LYS A 6 -7.77 -10.22 9.15
CA LYS A 6 -6.46 -10.68 8.70
C LYS A 6 -6.16 -10.14 7.30
N LYS A 7 -7.15 -10.19 6.42
CA LYS A 7 -6.99 -9.70 5.06
C LYS A 7 -6.60 -8.22 5.05
N ILE A 8 -7.53 -7.37 5.47
CA ILE A 8 -7.28 -5.93 5.50
C ILE A 8 -5.98 -5.62 6.26
N GLU A 9 -5.76 -6.32 7.36
CA GLU A 9 -4.56 -6.12 8.16
C GLU A 9 -3.31 -6.44 7.35
N LYS A 10 -3.31 -7.61 6.71
CA LYS A 10 -2.18 -8.03 5.90
C LYS A 10 -1.99 -7.12 4.70
N VAL A 11 -3.01 -7.03 3.86
CA VAL A 11 -2.96 -6.19 2.67
C VAL A 11 -2.58 -4.75 3.03
N GLY A 12 -3.01 -4.31 4.21
CA GLY A 12 -2.71 -2.97 4.65
C GLY A 12 -1.23 -2.76 4.91
N ARG A 13 -0.60 -3.71 5.59
CA ARG A 13 0.81 -3.63 5.90
C ARG A 13 1.67 -3.98 4.69
N ASN A 14 1.15 -4.87 3.84
CA ASN A 14 1.87 -5.28 2.64
C ASN A 14 2.30 -4.07 1.82
N VAL A 15 1.33 -3.38 1.23
CA VAL A 15 1.61 -2.21 0.41
C VAL A 15 2.47 -1.21 1.17
N ARG A 16 2.16 -1.03 2.46
CA ARG A 16 2.91 -0.11 3.29
C ARG A 16 4.39 -0.46 3.33
N ASP A 17 4.70 -1.60 3.95
CA ASP A 17 6.08 -2.06 4.05
C ASP A 17 6.73 -2.15 2.67
N GLY A 18 5.94 -2.55 1.68
CA GLY A 18 6.45 -2.68 0.33
C GLY A 18 6.87 -1.34 -0.26
N ILE A 19 6.00 -0.34 -0.12
CA ILE A 19 6.29 1.00 -0.63
C ILE A 19 7.35 1.70 0.21
N ILE A 20 7.34 1.43 1.52
CA ILE A 20 8.30 2.03 2.42
C ILE A 20 9.69 1.45 2.23
N LYS A 21 9.76 0.11 2.15
CA LYS A 21 11.03 -0.58 1.97
C LYS A 21 11.69 -0.15 0.66
N ALA A 22 11.04 -0.48 -0.46
CA ALA A 22 11.57 -0.13 -1.77
C ALA A 22 10.94 1.16 -2.30
N GLY A 23 9.69 1.06 -2.74
CA GLY A 23 9.00 2.23 -3.25
C GLY A 23 9.21 2.42 -4.74
N PRO A 24 8.54 1.59 -5.54
CA PRO A 24 8.64 1.65 -7.01
C PRO A 24 7.97 2.89 -7.59
N ALA A 25 8.04 3.03 -8.90
CA ALA A 25 7.44 4.18 -9.58
C ALA A 25 5.95 4.29 -9.25
N VAL A 26 5.34 3.17 -8.90
CA VAL A 26 3.93 3.14 -8.56
C VAL A 26 3.59 4.19 -7.51
N ALA A 27 4.21 4.07 -6.34
CA ALA A 27 3.99 5.02 -5.26
C ALA A 27 4.21 6.45 -5.71
N VAL A 28 5.34 6.67 -6.40
CA VAL A 28 5.68 8.00 -6.90
C VAL A 28 4.58 8.55 -7.80
N VAL A 29 4.39 7.90 -8.95
CA VAL A 29 3.37 8.31 -9.90
C VAL A 29 2.01 8.47 -9.22
N GLY A 30 1.60 7.45 -8.50
CA GLY A 30 0.32 7.48 -7.80
C GLY A 30 0.21 8.68 -6.87
N GLN A 31 1.11 8.76 -5.90
CA GLN A 31 1.10 9.85 -4.94
C GLN A 31 1.08 11.20 -5.65
N ALA A 32 2.07 11.45 -6.48
CA ALA A 32 2.16 12.70 -7.23
C ALA A 32 0.86 12.98 -7.98
N ALA A 33 0.41 12.00 -8.75
CA ALA A 33 -0.82 12.13 -9.52
C ALA A 33 -1.99 12.48 -8.62
N THR A 34 -2.08 11.82 -7.48
CA THR A 34 -3.17 12.04 -6.53
C THR A 34 -3.07 13.44 -5.92
N VAL A 35 -1.84 13.87 -5.61
CA VAL A 35 -1.61 15.17 -5.02
C VAL A 35 -1.89 16.28 -6.03
N VAL A 36 -1.49 16.05 -7.27
CA VAL A 36 -1.69 17.03 -8.35
C VAL A 36 -3.16 17.08 -8.76
N LYS A 37 -3.71 15.92 -9.10
CA LYS A 37 -5.10 15.83 -9.53
C LYS A 37 -6.03 15.71 -8.32
N ARG A 1 -7.24 -14.80 11.90
CA ARG A 1 -8.00 -16.00 12.21
C ARG A 1 -9.34 -16.00 11.50
N TRP A 2 -9.89 -14.81 11.27
CA TRP A 2 -11.17 -14.67 10.60
C TRP A 2 -10.99 -14.09 9.20
N LYS A 3 -12.02 -14.23 8.37
CA LYS A 3 -11.98 -13.71 7.01
C LYS A 3 -11.66 -12.22 6.99
N ILE A 4 -12.58 -11.41 7.52
CA ILE A 4 -12.40 -9.97 7.57
C ILE A 4 -11.05 -9.61 8.19
N PHE A 5 -10.80 -10.16 9.39
CA PHE A 5 -9.55 -9.88 10.09
C PHE A 5 -8.35 -10.16 9.19
N LYS A 6 -8.22 -11.41 8.76
CA LYS A 6 -7.12 -11.81 7.89
C LYS A 6 -7.04 -10.91 6.67
N LYS A 7 -8.19 -10.59 6.09
CA LYS A 7 -8.25 -9.74 4.91
C LYS A 7 -7.70 -8.35 5.22
N ILE A 8 -8.39 -7.61 6.08
CA ILE A 8 -7.97 -6.27 6.45
C ILE A 8 -6.51 -6.26 6.91
N GLU A 9 -6.13 -7.28 7.68
CA GLU A 9 -4.78 -7.39 8.18
C GLU A 9 -3.78 -7.57 7.03
N LYS A 10 -4.08 -8.51 6.15
CA LYS A 10 -3.22 -8.78 5.00
C LYS A 10 -3.14 -7.58 4.07
N VAL A 11 -4.29 -7.16 3.56
CA VAL A 11 -4.36 -6.01 2.67
C VAL A 11 -3.74 -4.77 3.31
N GLY A 12 -3.83 -4.70 4.64
CA GLY A 12 -3.27 -3.56 5.35
C GLY A 12 -1.76 -3.60 5.40
N ARG A 13 -1.20 -4.79 5.59
CA ARG A 13 0.25 -4.95 5.67
C ARG A 13 0.86 -4.96 4.27
N ASN A 14 0.11 -5.47 3.30
CA ASN A 14 0.59 -5.54 1.92
C ASN A 14 1.03 -4.17 1.43
N VAL A 15 0.08 -3.23 1.36
CA VAL A 15 0.37 -1.88 0.91
C VAL A 15 1.56 -1.29 1.67
N ARG A 16 1.45 -1.28 2.99
CA ARG A 16 2.53 -0.74 3.83
C ARG A 16 3.87 -1.37 3.48
N ASP A 17 3.97 -2.68 3.63
CA ASP A 17 5.20 -3.39 3.32
C ASP A 17 5.68 -3.06 1.92
N GLY A 18 4.75 -2.98 0.97
CA GLY A 18 5.10 -2.67 -0.40
C GLY A 18 5.68 -1.27 -0.55
N ILE A 19 5.05 -0.31 0.11
CA ILE A 19 5.49 1.08 0.05
C ILE A 19 6.81 1.26 0.80
N ILE A 20 6.96 0.53 1.90
CA ILE A 20 8.17 0.61 2.71
C ILE A 20 9.34 -0.08 2.02
N LYS A 21 9.08 -1.27 1.47
CA LYS A 21 10.10 -2.04 0.78
C LYS A 21 10.50 -1.37 -0.53
N ALA A 22 9.53 -1.21 -1.43
CA ALA A 22 9.78 -0.58 -2.72
C ALA A 22 10.46 0.78 -2.54
N GLY A 23 9.70 1.77 -2.09
CA GLY A 23 10.24 3.10 -1.90
C GLY A 23 9.18 4.16 -1.80
N PRO A 24 9.55 5.36 -1.33
CA PRO A 24 8.63 6.49 -1.18
C PRO A 24 8.18 7.04 -2.52
N ALA A 25 8.92 6.70 -3.58
CA ALA A 25 8.59 7.17 -4.92
C ALA A 25 7.13 6.90 -5.26
N VAL A 26 6.59 5.82 -4.70
CA VAL A 26 5.20 5.45 -4.95
C VAL A 26 4.27 6.62 -4.70
N ALA A 27 4.56 7.40 -3.67
CA ALA A 27 3.75 8.57 -3.31
C ALA A 27 3.88 9.65 -4.38
N VAL A 28 5.10 10.10 -4.61
CA VAL A 28 5.36 11.15 -5.60
C VAL A 28 4.81 10.75 -6.97
N VAL A 29 4.92 9.47 -7.29
CA VAL A 29 4.43 8.96 -8.57
C VAL A 29 2.91 8.87 -8.59
N GLY A 30 2.36 8.11 -7.64
CA GLY A 30 0.92 7.95 -7.57
C GLY A 30 0.20 9.27 -7.46
N GLN A 31 0.66 10.13 -6.56
CA GLN A 31 0.05 11.43 -6.36
C GLN A 31 0.02 12.22 -7.67
N ALA A 32 1.20 12.55 -8.18
CA ALA A 32 1.31 13.30 -9.43
C ALA A 32 0.51 12.64 -10.55
N ALA A 33 0.63 11.32 -10.64
CA ALA A 33 -0.07 10.56 -11.67
C ALA A 33 -1.58 10.74 -11.54
N THR A 34 -2.09 10.62 -10.32
CA THR A 34 -3.52 10.76 -10.07
C THR A 34 -3.96 12.21 -10.27
N VAL A 35 -3.12 13.15 -9.88
CA VAL A 35 -3.42 14.57 -10.02
C VAL A 35 -3.44 14.98 -11.48
N VAL A 36 -2.48 14.47 -12.25
CA VAL A 36 -2.37 14.79 -13.67
C VAL A 36 -3.42 14.03 -14.48
N LYS A 37 -3.52 12.72 -14.23
CA LYS A 37 -4.49 11.88 -14.92
C LYS A 37 -5.80 11.78 -14.13
N ARG A 1 -15.00 -12.18 9.54
CA ARG A 1 -13.65 -11.79 9.90
C ARG A 1 -12.66 -12.19 8.80
N TRP A 2 -12.50 -11.33 7.81
CA TRP A 2 -11.59 -11.60 6.69
C TRP A 2 -11.29 -10.32 5.92
N LYS A 3 -12.34 -9.62 5.51
CA LYS A 3 -12.18 -8.39 4.75
C LYS A 3 -11.25 -7.43 5.47
N ILE A 4 -11.74 -6.81 6.54
CA ILE A 4 -10.95 -5.88 7.32
C ILE A 4 -9.61 -6.50 7.74
N PHE A 5 -9.64 -7.79 8.03
CA PHE A 5 -8.43 -8.50 8.44
C PHE A 5 -7.37 -8.42 7.36
N LYS A 6 -7.60 -9.10 6.25
CA LYS A 6 -6.65 -9.11 5.14
C LYS A 6 -6.39 -7.69 4.63
N LYS A 7 -7.43 -6.86 4.67
CA LYS A 7 -7.31 -5.47 4.21
C LYS A 7 -6.31 -4.71 5.07
N ILE A 8 -6.63 -4.55 6.35
CA ILE A 8 -5.77 -3.84 7.27
C ILE A 8 -4.40 -4.51 7.37
N GLU A 9 -4.40 -5.84 7.39
CA GLU A 9 -3.16 -6.60 7.48
C GLU A 9 -2.27 -6.33 6.27
N LYS A 10 -2.84 -6.47 5.08
CA LYS A 10 -2.09 -6.24 3.84
C LYS A 10 -1.70 -4.77 3.72
N VAL A 11 -2.69 -3.89 3.77
CA VAL A 11 -2.44 -2.46 3.67
C VAL A 11 -1.45 -1.99 4.72
N GLY A 12 -1.44 -2.66 5.86
CA GLY A 12 -0.54 -2.30 6.94
C GLY A 12 0.91 -2.68 6.63
N ARG A 13 1.09 -3.86 6.04
CA ARG A 13 2.42 -4.34 5.69
C ARG A 13 2.92 -3.69 4.41
N ASN A 14 2.00 -3.39 3.51
CA ASN A 14 2.36 -2.76 2.23
C ASN A 14 3.12 -1.46 2.46
N VAL A 15 2.45 -0.48 3.05
CA VAL A 15 3.07 0.81 3.33
C VAL A 15 4.39 0.63 4.07
N ARG A 16 4.35 -0.07 5.19
CA ARG A 16 5.53 -0.32 6.00
C ARG A 16 6.67 -0.88 5.14
N ASP A 17 6.43 -2.03 4.53
CA ASP A 17 7.43 -2.67 3.69
C ASP A 17 7.92 -1.71 2.60
N GLY A 18 7.00 -0.95 2.04
CA GLY A 18 7.35 0.00 1.00
C GLY A 18 8.27 1.10 1.51
N ILE A 19 7.95 1.64 2.68
CA ILE A 19 8.74 2.70 3.28
C ILE A 19 10.08 2.17 3.78
N ILE A 20 10.07 0.95 4.30
CA ILE A 20 11.29 0.33 4.80
C ILE A 20 12.21 -0.09 3.67
N LYS A 21 11.64 -0.69 2.63
CA LYS A 21 12.42 -1.13 1.48
C LYS A 21 12.89 0.06 0.65
N ALA A 22 11.95 0.72 -0.02
CA ALA A 22 12.27 1.88 -0.85
C ALA A 22 12.20 3.16 -0.04
N GLY A 23 10.99 3.61 0.27
CA GLY A 23 10.80 4.83 1.04
C GLY A 23 9.60 5.62 0.59
N PRO A 24 9.71 6.24 -0.59
CA PRO A 24 8.62 7.06 -1.16
C PRO A 24 7.45 6.21 -1.60
N ALA A 25 6.37 6.25 -0.82
CA ALA A 25 5.17 5.49 -1.14
C ALA A 25 4.14 6.36 -1.83
N VAL A 26 4.20 7.66 -1.58
CA VAL A 26 3.27 8.61 -2.19
C VAL A 26 3.21 8.44 -3.69
N ALA A 27 4.36 8.59 -4.35
CA ALA A 27 4.44 8.45 -5.80
C ALA A 27 3.90 7.10 -6.25
N VAL A 28 4.36 6.03 -5.60
CA VAL A 28 3.91 4.69 -5.93
C VAL A 28 2.40 4.56 -5.83
N VAL A 29 1.87 4.72 -4.63
CA VAL A 29 0.43 4.63 -4.39
C VAL A 29 -0.33 5.54 -5.35
N GLY A 30 0.08 6.80 -5.42
CA GLY A 30 -0.58 7.75 -6.29
C GLY A 30 -0.59 7.29 -7.73
N GLN A 31 0.60 7.13 -8.31
CA GLN A 31 0.72 6.68 -9.70
C GLN A 31 -0.11 5.42 -9.94
N ALA A 32 0.17 4.38 -9.17
CA ALA A 32 -0.54 3.12 -9.30
C ALA A 32 -2.05 3.33 -9.24
N ALA A 33 -2.51 3.95 -8.15
CA ALA A 33 -3.93 4.22 -7.97
C ALA A 33 -4.51 4.97 -9.16
N THR A 34 -3.76 5.97 -9.64
CA THR A 34 -4.20 6.77 -10.77
C THR A 34 -4.27 5.94 -12.05
N VAL A 35 -3.28 5.09 -12.25
CA VAL A 35 -3.23 4.22 -13.42
C VAL A 35 -4.32 3.17 -13.37
N VAL A 36 -4.58 2.63 -12.18
CA VAL A 36 -5.60 1.62 -11.99
C VAL A 36 -7.00 2.22 -12.08
N LYS A 37 -7.18 3.37 -11.44
CA LYS A 37 -8.48 4.04 -11.45
C LYS A 37 -8.78 4.61 -12.83
N ARG A 1 -8.80 -14.18 10.26
CA ARG A 1 -9.42 -14.80 9.10
C ARG A 1 -10.75 -14.11 8.77
N TRP A 2 -10.67 -12.83 8.41
CA TRP A 2 -11.86 -12.07 8.07
C TRP A 2 -11.53 -10.98 7.05
N LYS A 3 -12.58 -10.43 6.42
CA LYS A 3 -12.40 -9.39 5.42
C LYS A 3 -11.60 -8.21 5.98
N ILE A 4 -12.20 -7.51 6.95
CA ILE A 4 -11.55 -6.38 7.58
C ILE A 4 -10.16 -6.74 8.08
N PHE A 5 -10.08 -7.83 8.84
CA PHE A 5 -8.80 -8.29 9.39
C PHE A 5 -7.77 -8.44 8.27
N LYS A 6 -8.03 -9.34 7.34
CA LYS A 6 -7.13 -9.58 6.22
C LYS A 6 -6.80 -8.28 5.50
N LYS A 7 -7.81 -7.44 5.30
CA LYS A 7 -7.62 -6.16 4.63
C LYS A 7 -6.64 -5.27 5.39
N ILE A 8 -7.05 -4.84 6.58
CA ILE A 8 -6.20 -3.99 7.41
C ILE A 8 -4.81 -4.60 7.58
N GLU A 9 -4.78 -5.91 7.81
CA GLU A 9 -3.52 -6.62 8.00
C GLU A 9 -2.64 -6.53 6.75
N LYS A 10 -3.23 -6.85 5.61
CA LYS A 10 -2.51 -6.81 4.33
C LYS A 10 -2.08 -5.38 4.01
N VAL A 11 -3.06 -4.47 3.91
CA VAL A 11 -2.77 -3.08 3.61
C VAL A 11 -1.71 -2.51 4.54
N GLY A 12 -1.83 -2.84 5.82
CA GLY A 12 -0.87 -2.36 6.81
C GLY A 12 0.55 -2.76 6.47
N ARG A 13 0.73 -4.00 6.01
CA ARG A 13 2.05 -4.49 5.66
C ARG A 13 2.47 -4.00 4.29
N ASN A 14 1.51 -3.87 3.38
CA ASN A 14 1.77 -3.40 2.03
C ASN A 14 2.49 -2.05 2.05
N VAL A 15 1.87 -1.07 2.69
CA VAL A 15 2.46 0.27 2.78
C VAL A 15 3.89 0.20 3.31
N ARG A 16 4.04 -0.31 4.52
CA ARG A 16 5.35 -0.43 5.14
C ARG A 16 6.34 -1.13 4.20
N ASP A 17 5.98 -2.34 3.78
CA ASP A 17 6.83 -3.11 2.89
C ASP A 17 7.22 -2.29 1.66
N GLY A 18 6.26 -1.54 1.12
CA GLY A 18 6.52 -0.73 -0.05
C GLY A 18 7.44 0.44 0.26
N ILE A 19 7.23 1.08 1.41
CA ILE A 19 8.04 2.21 1.81
C ILE A 19 9.47 1.77 2.14
N ILE A 20 9.60 0.60 2.76
CA ILE A 20 10.90 0.07 3.13
C ILE A 20 11.62 -0.50 1.91
N LYS A 21 10.90 -1.31 1.13
CA LYS A 21 11.47 -1.93 -0.06
C LYS A 21 12.12 -0.88 -0.95
N ALA A 22 11.31 -0.05 -1.59
CA ALA A 22 11.81 1.00 -2.47
C ALA A 22 11.82 2.34 -1.76
N GLY A 23 10.64 2.89 -1.49
CA GLY A 23 10.55 4.16 -0.82
C GLY A 23 9.12 4.67 -0.70
N PRO A 24 8.95 5.87 -0.12
CA PRO A 24 7.63 6.47 0.04
C PRO A 24 7.02 6.91 -1.28
N ALA A 25 7.86 7.32 -2.21
CA ALA A 25 7.40 7.77 -3.53
C ALA A 25 6.48 6.73 -4.16
N VAL A 26 6.74 5.46 -3.87
CA VAL A 26 5.94 4.37 -4.42
C VAL A 26 4.45 4.59 -4.14
N ALA A 27 4.10 4.60 -2.85
CA ALA A 27 2.71 4.80 -2.44
C ALA A 27 2.14 6.09 -3.05
N VAL A 28 2.92 7.16 -2.97
CA VAL A 28 2.48 8.45 -3.51
C VAL A 28 2.16 8.34 -5.00
N VAL A 29 3.18 8.06 -5.80
CA VAL A 29 3.00 7.93 -7.25
C VAL A 29 1.89 6.93 -7.57
N GLY A 30 1.98 5.75 -6.96
CA GLY A 30 0.98 4.72 -7.21
C GLY A 30 -0.43 5.20 -6.91
N GLN A 31 -0.66 5.63 -5.67
CA GLN A 31 -1.97 6.11 -5.26
C GLN A 31 -2.47 7.21 -6.20
N ALA A 32 -1.69 8.28 -6.31
CA ALA A 32 -2.04 9.39 -7.17
C ALA A 32 -2.36 8.91 -8.59
N ALA A 33 -1.42 8.21 -9.19
CA ALA A 33 -1.60 7.69 -10.54
C ALA A 33 -2.88 6.86 -10.64
N THR A 34 -3.11 6.01 -9.65
CA THR A 34 -4.30 5.16 -9.63
C THR A 34 -5.57 5.99 -9.52
N VAL A 35 -5.52 7.02 -8.67
CA VAL A 35 -6.67 7.88 -8.47
C VAL A 35 -6.95 8.74 -9.71
N VAL A 36 -5.88 9.18 -10.36
CA VAL A 36 -6.00 10.00 -11.56
C VAL A 36 -6.44 9.15 -12.75
N LYS A 37 -5.67 8.12 -13.06
CA LYS A 37 -5.97 7.23 -14.17
C LYS A 37 -7.01 6.20 -13.77
N ARG A 1 -8.11 -14.68 11.09
CA ARG A 1 -8.55 -15.26 9.82
C ARG A 1 -9.92 -14.72 9.42
N TRP A 2 -10.02 -13.40 9.28
CA TRP A 2 -11.28 -12.77 8.91
C TRP A 2 -11.06 -11.75 7.79
N LYS A 3 -12.13 -11.40 7.09
CA LYS A 3 -12.05 -10.43 6.00
C LYS A 3 -11.38 -9.15 6.45
N ILE A 4 -11.99 -8.48 7.42
CA ILE A 4 -11.43 -7.23 7.95
C ILE A 4 -9.99 -7.43 8.41
N PHE A 5 -9.77 -8.44 9.24
CA PHE A 5 -8.44 -8.73 9.75
C PHE A 5 -7.42 -8.85 8.61
N LYS A 6 -7.61 -9.86 7.76
CA LYS A 6 -6.72 -10.08 6.64
C LYS A 6 -6.57 -8.81 5.80
N LYS A 7 -7.69 -8.15 5.54
CA LYS A 7 -7.68 -6.92 4.76
C LYS A 7 -6.77 -5.87 5.40
N ILE A 8 -7.17 -5.38 6.57
CA ILE A 8 -6.40 -4.38 7.29
C ILE A 8 -4.95 -4.82 7.44
N GLU A 9 -4.75 -6.09 7.73
CA GLU A 9 -3.40 -6.63 7.91
C GLU A 9 -2.59 -6.51 6.62
N LYS A 10 -3.02 -7.23 5.59
CA LYS A 10 -2.33 -7.21 4.30
C LYS A 10 -2.17 -5.77 3.81
N VAL A 11 -3.27 -5.03 3.77
CA VAL A 11 -3.24 -3.65 3.32
C VAL A 11 -2.29 -2.81 4.17
N GLY A 12 -2.17 -3.17 5.45
CA GLY A 12 -1.30 -2.45 6.34
C GLY A 12 0.17 -2.78 6.13
N ARG A 13 0.44 -4.04 5.80
CA ARG A 13 1.81 -4.49 5.56
C ARG A 13 2.28 -4.09 4.17
N ASN A 14 1.35 -4.09 3.21
CA ASN A 14 1.67 -3.73 1.83
C ASN A 14 2.33 -2.35 1.77
N VAL A 15 1.63 -1.35 2.28
CA VAL A 15 2.14 0.02 2.28
C VAL A 15 3.54 0.07 2.87
N ARG A 16 3.65 -0.32 4.14
CA ARG A 16 4.94 -0.32 4.83
C ARG A 16 6.00 -1.04 4.02
N ASP A 17 5.73 -2.30 3.69
CA ASP A 17 6.66 -3.11 2.91
C ASP A 17 7.08 -2.38 1.64
N GLY A 18 6.11 -1.73 0.99
CA GLY A 18 6.40 -1.01 -0.23
C GLY A 18 7.25 0.22 0.01
N ILE A 19 6.94 0.95 1.08
CA ILE A 19 7.68 2.16 1.42
C ILE A 19 9.11 1.83 1.86
N ILE A 20 9.25 0.72 2.58
CA ILE A 20 10.56 0.28 3.06
C ILE A 20 11.37 -0.36 1.94
N LYS A 21 10.72 -1.25 1.20
CA LYS A 21 11.39 -1.95 0.10
C LYS A 21 12.06 -0.95 -0.84
N ALA A 22 11.24 -0.21 -1.59
CA ALA A 22 11.74 0.78 -2.54
C ALA A 22 11.83 2.15 -1.89
N GLY A 23 10.68 2.74 -1.61
CA GLY A 23 10.66 4.06 -0.99
C GLY A 23 9.26 4.62 -0.88
N PRO A 24 9.13 5.78 -0.21
CA PRO A 24 7.83 6.45 -0.02
C PRO A 24 7.29 7.03 -1.31
N ALA A 25 8.19 7.45 -2.20
CA ALA A 25 7.80 8.03 -3.48
C ALA A 25 6.86 7.10 -4.23
N VAL A 26 7.03 5.79 -4.02
CA VAL A 26 6.19 4.80 -4.68
C VAL A 26 4.70 5.10 -4.47
N ALA A 27 4.33 5.28 -3.21
CA ALA A 27 2.94 5.57 -2.86
C ALA A 27 2.53 6.95 -3.37
N VAL A 28 3.38 7.95 -3.12
CA VAL A 28 3.09 9.31 -3.55
C VAL A 28 2.83 9.37 -5.05
N VAL A 29 3.62 8.63 -5.81
CA VAL A 29 3.48 8.59 -7.27
C VAL A 29 2.32 7.71 -7.68
N GLY A 30 2.29 6.48 -7.15
CA GLY A 30 1.23 5.56 -7.48
C GLY A 30 -0.14 6.12 -7.19
N GLN A 31 -0.34 6.59 -5.96
CA GLN A 31 -1.62 7.17 -5.56
C GLN A 31 -2.04 8.28 -6.51
N ALA A 32 -1.23 9.33 -6.58
CA ALA A 32 -1.52 10.46 -7.44
C ALA A 32 -1.78 10.00 -8.88
N ALA A 33 -0.90 9.16 -9.39
CA ALA A 33 -1.03 8.63 -10.75
C ALA A 33 -2.37 7.92 -10.93
N THR A 34 -2.72 7.08 -9.96
CA THR A 34 -3.98 6.33 -10.02
C THR A 34 -5.17 7.27 -9.90
N VAL A 35 -5.05 8.27 -9.04
CA VAL A 35 -6.14 9.23 -8.84
C VAL A 35 -6.32 10.11 -10.07
N VAL A 36 -5.22 10.52 -10.68
CA VAL A 36 -5.27 11.36 -11.87
C VAL A 36 -5.69 10.56 -13.10
N LYS A 37 -5.02 9.43 -13.31
CA LYS A 37 -5.32 8.57 -14.45
C LYS A 37 -6.69 7.92 -14.29
N ARG A 1 -14.63 -10.89 11.60
CA ARG A 1 -13.82 -11.81 12.39
C ARG A 1 -12.50 -12.12 11.69
N TRP A 2 -12.59 -12.47 10.42
CA TRP A 2 -11.41 -12.80 9.63
C TRP A 2 -11.27 -11.86 8.43
N LYS A 3 -12.40 -11.54 7.80
CA LYS A 3 -12.40 -10.66 6.65
C LYS A 3 -11.72 -9.33 6.97
N ILE A 4 -12.34 -8.55 7.86
CA ILE A 4 -11.79 -7.26 8.26
C ILE A 4 -10.34 -7.40 8.71
N PHE A 5 -10.09 -8.34 9.61
CA PHE A 5 -8.74 -8.58 10.12
C PHE A 5 -7.75 -8.77 8.97
N LYS A 6 -7.95 -9.84 8.20
CA LYS A 6 -7.07 -10.14 7.07
C LYS A 6 -6.96 -8.93 6.14
N LYS A 7 -8.09 -8.28 5.89
CA LYS A 7 -8.11 -7.10 5.02
C LYS A 7 -7.21 -6.00 5.56
N ILE A 8 -7.58 -5.43 6.69
CA ILE A 8 -6.80 -4.36 7.32
C ILE A 8 -5.34 -4.78 7.48
N GLU A 9 -5.13 -6.03 7.88
CA GLU A 9 -3.78 -6.55 8.07
C GLU A 9 -3.00 -6.55 6.77
N LYS A 10 -3.62 -7.09 5.72
CA LYS A 10 -2.98 -7.13 4.41
C LYS A 10 -2.77 -5.74 3.85
N VAL A 11 -3.85 -4.99 3.70
CA VAL A 11 -3.79 -3.64 3.17
C VAL A 11 -2.77 -2.80 3.94
N GLY A 12 -2.61 -3.10 5.23
CA GLY A 12 -1.66 -2.37 6.04
C GLY A 12 -0.23 -2.69 5.70
N ARG A 13 0.10 -3.97 5.64
CA ARG A 13 1.45 -4.41 5.32
C ARG A 13 1.78 -4.11 3.85
N ASN A 14 0.77 -4.16 3.00
CA ASN A 14 0.95 -3.90 1.58
C ASN A 14 1.58 -2.53 1.35
N VAL A 15 0.81 -1.48 1.63
CA VAL A 15 1.30 -0.12 1.46
C VAL A 15 2.64 0.09 2.16
N ARG A 16 2.69 -0.29 3.44
CA ARG A 16 3.91 -0.14 4.23
C ARG A 16 5.09 -0.77 3.51
N ASP A 17 5.00 -2.07 3.24
CA ASP A 17 6.06 -2.80 2.56
C ASP A 17 6.37 -2.17 1.21
N GLY A 18 5.33 -1.69 0.54
CA GLY A 18 5.51 -1.06 -0.76
C GLY A 18 6.30 0.23 -0.68
N ILE A 19 5.97 1.06 0.30
CA ILE A 19 6.66 2.33 0.48
C ILE A 19 8.05 2.12 1.06
N ILE A 20 8.18 1.14 1.96
CA ILE A 20 9.45 0.84 2.58
C ILE A 20 10.42 0.20 1.60
N LYS A 21 9.94 -0.83 0.90
CA LYS A 21 10.76 -1.53 -0.09
C LYS A 21 11.34 -0.55 -1.10
N ALA A 22 10.50 0.34 -1.61
CA ALA A 22 10.93 1.33 -2.59
C ALA A 22 11.73 2.45 -1.92
N GLY A 23 11.04 3.29 -1.17
CA GLY A 23 11.70 4.39 -0.49
C GLY A 23 10.96 5.71 -0.66
N PRO A 24 11.06 6.29 -1.86
CA PRO A 24 10.40 7.56 -2.18
C PRO A 24 8.88 7.43 -2.26
N ALA A 25 8.22 7.73 -1.15
CA ALA A 25 6.76 7.64 -1.10
C ALA A 25 6.11 8.56 -2.13
N VAL A 26 6.66 9.78 -2.26
CA VAL A 26 6.13 10.74 -3.21
C VAL A 26 6.06 10.15 -4.61
N ALA A 27 7.21 9.74 -5.14
CA ALA A 27 7.27 9.15 -6.47
C ALA A 27 6.31 7.97 -6.60
N VAL A 28 6.38 7.05 -5.63
CA VAL A 28 5.51 5.88 -5.63
C VAL A 28 4.04 6.27 -5.70
N VAL A 29 3.58 6.95 -4.66
CA VAL A 29 2.18 7.39 -4.60
C VAL A 29 1.80 8.17 -5.85
N GLY A 30 2.60 9.17 -6.20
CA GLY A 30 2.33 9.96 -7.38
C GLY A 30 2.20 9.12 -8.63
N GLN A 31 3.27 8.42 -8.98
CA GLN A 31 3.28 7.57 -10.16
C GLN A 31 2.07 6.62 -10.16
N ALA A 32 1.97 5.83 -9.11
CA ALA A 32 0.87 4.87 -8.99
C ALA A 32 -0.48 5.57 -9.17
N ALA A 33 -0.75 6.56 -8.34
CA ALA A 33 -2.01 7.31 -8.43
C ALA A 33 -2.25 7.83 -9.83
N THR A 34 -1.20 8.37 -10.45
CA THR A 34 -1.29 8.89 -11.80
C THR A 34 -1.62 7.80 -12.81
N VAL A 35 -0.97 6.65 -12.65
CA VAL A 35 -1.19 5.52 -13.55
C VAL A 35 -2.58 4.94 -13.35
N VAL A 36 -3.04 4.90 -12.11
CA VAL A 36 -4.35 4.36 -11.79
C VAL A 36 -5.45 5.32 -12.22
N LYS A 37 -5.40 6.55 -11.71
CA LYS A 37 -6.39 7.56 -12.04
C LYS A 37 -6.51 7.74 -13.56
N ARG A 1 -14.48 -11.42 10.85
CA ARG A 1 -14.16 -12.65 11.59
C ARG A 1 -12.67 -12.94 11.54
N TRP A 2 -12.08 -12.79 10.35
CA TRP A 2 -10.65 -13.04 10.17
C TRP A 2 -10.21 -12.70 8.75
N LYS A 3 -11.05 -13.05 7.79
CA LYS A 3 -10.75 -12.79 6.39
C LYS A 3 -10.49 -11.30 6.16
N ILE A 4 -11.53 -10.49 6.34
CA ILE A 4 -11.41 -9.05 6.16
C ILE A 4 -10.24 -8.49 6.95
N PHE A 5 -10.21 -8.79 8.24
CA PHE A 5 -9.13 -8.30 9.11
C PHE A 5 -7.76 -8.65 8.52
N LYS A 6 -7.51 -9.95 8.36
CA LYS A 6 -6.23 -10.40 7.81
C LYS A 6 -5.95 -9.73 6.46
N LYS A 7 -6.98 -9.61 5.63
CA LYS A 7 -6.83 -8.98 4.33
C LYS A 7 -6.40 -7.53 4.47
N ILE A 8 -7.27 -6.69 5.03
CA ILE A 8 -6.98 -5.28 5.24
C ILE A 8 -5.65 -5.10 5.95
N GLU A 9 -5.39 -5.94 6.94
CA GLU A 9 -4.15 -5.87 7.70
C GLU A 9 -2.94 -6.17 6.81
N LYS A 10 -3.03 -7.28 6.07
CA LYS A 10 -1.95 -7.68 5.18
C LYS A 10 -1.74 -6.65 4.08
N VAL A 11 -2.79 -6.40 3.28
CA VAL A 11 -2.72 -5.43 2.20
C VAL A 11 -2.28 -4.06 2.71
N GLY A 12 -2.61 -3.76 3.96
CA GLY A 12 -2.23 -2.49 4.54
C GLY A 12 -0.76 -2.42 4.88
N ARG A 13 -0.21 -3.52 5.38
CA ARG A 13 1.20 -3.59 5.76
C ARG A 13 2.07 -3.79 4.52
N ASN A 14 1.53 -4.50 3.54
CA ASN A 14 2.28 -4.77 2.31
C ASN A 14 2.76 -3.48 1.66
N VAL A 15 1.81 -2.64 1.27
CA VAL A 15 2.14 -1.36 0.64
C VAL A 15 3.14 -0.58 1.47
N ARG A 16 2.79 -0.33 2.74
CA ARG A 16 3.65 0.40 3.65
C ARG A 16 5.05 -0.18 3.66
N ASP A 17 5.16 -1.45 4.05
CA ASP A 17 6.44 -2.13 4.12
C ASP A 17 7.19 -2.01 2.79
N GLY A 18 6.45 -2.15 1.69
CA GLY A 18 7.06 -2.05 0.37
C GLY A 18 7.60 -0.66 0.09
N ILE A 19 6.83 0.36 0.44
CA ILE A 19 7.24 1.74 0.22
C ILE A 19 8.38 2.13 1.16
N ILE A 20 8.34 1.61 2.37
CA ILE A 20 9.37 1.90 3.36
C ILE A 20 10.67 1.17 3.04
N LYS A 21 10.57 -0.15 2.92
CA LYS A 21 11.74 -0.97 2.61
C LYS A 21 12.41 -0.49 1.32
N ALA A 22 11.76 -0.71 0.19
CA ALA A 22 12.30 -0.28 -1.10
C ALA A 22 11.86 1.12 -1.45
N GLY A 23 10.59 1.27 -1.84
CA GLY A 23 10.07 2.57 -2.20
C GLY A 23 10.31 2.92 -3.65
N PRO A 24 9.58 2.24 -4.56
CA PRO A 24 9.71 2.46 -6.00
C PRO A 24 9.16 3.81 -6.43
N ALA A 25 9.13 4.05 -7.73
CA ALA A 25 8.62 5.31 -8.28
C ALA A 25 7.19 5.15 -8.77
N VAL A 26 6.93 4.09 -9.53
CA VAL A 26 5.61 3.83 -10.06
C VAL A 26 4.55 3.87 -8.96
N ALA A 27 4.93 3.43 -7.77
CA ALA A 27 4.03 3.42 -6.62
C ALA A 27 3.73 4.84 -6.16
N VAL A 28 4.76 5.55 -5.73
CA VAL A 28 4.61 6.92 -5.25
C VAL A 28 3.95 7.80 -6.30
N VAL A 29 4.27 7.54 -7.57
CA VAL A 29 3.69 8.30 -8.67
C VAL A 29 2.24 7.91 -8.92
N GLY A 30 2.01 6.63 -9.16
CA GLY A 30 0.66 6.15 -9.41
C GLY A 30 -0.28 6.46 -8.27
N GLN A 31 0.12 6.11 -7.05
CA GLN A 31 -0.70 6.35 -5.87
C GLN A 31 -1.03 7.84 -5.74
N ALA A 32 0.00 8.66 -5.61
CA ALA A 32 -0.19 10.10 -5.47
C ALA A 32 -1.03 10.66 -6.62
N ALA A 33 -0.68 10.28 -7.84
CA ALA A 33 -1.40 10.73 -9.02
C ALA A 33 -2.87 10.34 -8.95
N THR A 34 -3.13 9.09 -8.57
CA THR A 34 -4.49 8.59 -8.46
C THR A 34 -5.25 9.28 -7.33
N VAL A 35 -4.56 9.51 -6.22
CA VAL A 35 -5.17 10.17 -5.07
C VAL A 35 -5.48 11.64 -5.37
N VAL A 36 -4.55 12.29 -6.07
CA VAL A 36 -4.71 13.70 -6.43
C VAL A 36 -5.73 13.86 -7.54
N LYS A 37 -5.61 13.04 -8.58
CA LYS A 37 -6.53 13.09 -9.70
C LYS A 37 -7.98 12.94 -9.24
N ARG A 1 -14.19 -15.75 7.20
CA ARG A 1 -13.82 -15.46 8.57
C ARG A 1 -12.56 -14.60 8.63
N TRP A 2 -12.35 -13.95 9.77
CA TRP A 2 -11.18 -13.09 9.95
C TRP A 2 -11.08 -12.06 8.84
N LYS A 3 -12.23 -11.65 8.31
CA LYS A 3 -12.27 -10.66 7.23
C LYS A 3 -11.45 -9.43 7.60
N ILE A 4 -11.98 -8.61 8.49
CA ILE A 4 -11.30 -7.39 8.92
C ILE A 4 -9.88 -7.70 9.38
N PHE A 5 -9.71 -8.83 10.06
CA PHE A 5 -8.40 -9.23 10.56
C PHE A 5 -7.40 -9.34 9.41
N LYS A 6 -7.58 -10.34 8.55
CA LYS A 6 -6.70 -10.55 7.42
C LYS A 6 -6.63 -9.31 6.54
N LYS A 7 -7.76 -8.63 6.40
CA LYS A 7 -7.84 -7.42 5.58
C LYS A 7 -6.90 -6.34 6.13
N ILE A 8 -7.22 -5.85 7.32
CA ILE A 8 -6.41 -4.81 7.95
C ILE A 8 -4.96 -5.28 8.12
N GLU A 9 -4.79 -6.54 8.51
CA GLU A 9 -3.45 -7.11 8.71
C GLU A 9 -2.65 -7.07 7.42
N LYS A 10 -3.25 -7.58 6.35
CA LYS A 10 -2.59 -7.62 5.05
C LYS A 10 -2.38 -6.21 4.51
N VAL A 11 -3.48 -5.46 4.38
CA VAL A 11 -3.42 -4.10 3.87
C VAL A 11 -2.39 -3.27 4.64
N GLY A 12 -2.43 -3.37 5.97
CA GLY A 12 -1.49 -2.63 6.79
C GLY A 12 -0.05 -2.96 6.47
N ARG A 13 0.21 -4.22 6.17
CA ARG A 13 1.57 -4.66 5.85
C ARG A 13 1.93 -4.27 4.41
N ASN A 14 0.95 -4.36 3.51
CA ASN A 14 1.17 -4.02 2.12
C ASN A 14 1.73 -2.61 1.98
N VAL A 15 1.00 -1.63 2.50
CA VAL A 15 1.42 -0.24 2.44
C VAL A 15 2.85 -0.08 2.96
N ARG A 16 3.06 -0.43 4.22
CA ARG A 16 4.37 -0.32 4.84
C ARG A 16 5.43 -1.01 3.98
N ASP A 17 5.23 -2.29 3.71
CA ASP A 17 6.16 -3.05 2.89
C ASP A 17 6.46 -2.34 1.58
N GLY A 18 5.43 -1.77 0.96
CA GLY A 18 5.60 -1.07 -0.29
C GLY A 18 6.38 0.22 -0.12
N ILE A 19 6.08 0.95 0.94
CA ILE A 19 6.76 2.21 1.20
C ILE A 19 8.22 1.99 1.58
N ILE A 20 8.48 0.92 2.32
CA ILE A 20 9.84 0.58 2.74
C ILE A 20 10.63 -0.04 1.60
N LYS A 21 10.00 -1.00 0.91
CA LYS A 21 10.65 -1.68 -0.21
C LYS A 21 11.19 -0.67 -1.21
N ALA A 22 10.40 0.34 -1.52
CA ALA A 22 10.81 1.38 -2.46
C ALA A 22 11.44 2.56 -1.74
N GLY A 23 10.61 3.35 -1.06
CA GLY A 23 11.11 4.50 -0.34
C GLY A 23 10.34 5.76 -0.66
N PRO A 24 10.58 6.32 -1.86
CA PRO A 24 9.91 7.54 -2.32
C PRO A 24 8.43 7.32 -2.61
N ALA A 25 7.62 7.30 -1.54
CA ALA A 25 6.19 7.10 -1.68
C ALA A 25 5.56 8.17 -2.58
N VAL A 26 6.10 9.38 -2.50
CA VAL A 26 5.60 10.49 -3.31
C VAL A 26 5.57 10.12 -4.79
N ALA A 27 6.75 9.90 -5.36
CA ALA A 27 6.86 9.53 -6.77
C ALA A 27 5.99 8.32 -7.09
N VAL A 28 6.05 7.32 -6.22
CA VAL A 28 5.26 6.10 -6.42
C VAL A 28 3.77 6.41 -6.52
N VAL A 29 3.20 6.89 -5.43
CA VAL A 29 1.78 7.23 -5.39
C VAL A 29 1.43 8.20 -6.52
N GLY A 30 2.20 9.26 -6.64
CA GLY A 30 1.95 10.25 -7.68
C GLY A 30 1.92 9.64 -9.07
N GLN A 31 3.02 9.00 -9.46
CA GLN A 31 3.11 8.37 -10.77
C GLN A 31 1.94 7.42 -11.01
N ALA A 32 1.80 6.44 -10.12
CA ALA A 32 0.72 5.46 -10.23
C ALA A 32 -0.63 6.16 -10.36
N ALA A 33 -0.96 7.00 -9.39
CA ALA A 33 -2.22 7.73 -9.39
C ALA A 33 -2.41 8.48 -10.70
N THR A 34 -1.35 9.13 -11.17
CA THR A 34 -1.42 9.90 -12.41
C THR A 34 -1.66 8.98 -13.60
N VAL A 35 -0.98 7.83 -13.62
CA VAL A 35 -1.13 6.87 -14.70
C VAL A 35 -2.51 6.24 -14.69
N VAL A 36 -3.03 5.98 -13.50
CA VAL A 36 -4.34 5.37 -13.35
C VAL A 36 -5.45 6.38 -13.66
N LYS A 37 -5.44 7.49 -12.94
CA LYS A 37 -6.45 8.53 -13.14
C LYS A 37 -6.46 9.01 -14.59
N ARG A 1 -15.01 -13.67 10.41
CA ARG A 1 -14.33 -12.54 11.04
C ARG A 1 -12.83 -12.79 11.12
N TRP A 2 -12.18 -12.86 9.96
CA TRP A 2 -10.74 -13.09 9.89
C TRP A 2 -10.21 -12.82 8.49
N LYS A 3 -10.92 -13.32 7.49
CA LYS A 3 -10.52 -13.13 6.10
C LYS A 3 -10.27 -11.65 5.80
N ILE A 4 -11.32 -10.85 5.92
CA ILE A 4 -11.21 -9.42 5.67
C ILE A 4 -10.12 -8.79 6.51
N PHE A 5 -10.15 -9.06 7.81
CA PHE A 5 -9.16 -8.51 8.74
C PHE A 5 -7.74 -8.82 8.25
N LYS A 6 -7.40 -10.10 8.21
CA LYS A 6 -6.07 -10.52 7.77
C LYS A 6 -5.76 -9.93 6.39
N LYS A 7 -6.73 -10.01 5.48
CA LYS A 7 -6.55 -9.49 4.13
C LYS A 7 -6.16 -8.01 4.17
N ILE A 8 -7.09 -7.17 4.61
CA ILE A 8 -6.84 -5.74 4.70
C ILE A 8 -5.57 -5.44 5.48
N GLU A 9 -5.37 -6.16 6.57
CA GLU A 9 -4.19 -5.99 7.41
C GLU A 9 -2.91 -6.25 6.60
N LYS A 10 -2.90 -7.36 5.88
CA LYS A 10 -1.75 -7.73 5.06
C LYS A 10 -1.57 -6.77 3.89
N VAL A 11 -2.59 -6.69 3.05
CA VAL A 11 -2.56 -5.80 1.89
C VAL A 11 -2.17 -4.38 2.29
N GLY A 12 -2.60 -3.97 3.48
CA GLY A 12 -2.28 -2.64 3.96
C GLY A 12 -0.84 -2.50 4.38
N ARG A 13 -0.28 -3.56 4.95
CA ARG A 13 1.10 -3.55 5.39
C ARG A 13 2.06 -3.76 4.22
N ASN A 14 1.63 -4.52 3.23
CA ASN A 14 2.43 -4.80 2.05
C ASN A 14 2.89 -3.50 1.40
N VAL A 15 1.92 -2.67 1.01
CA VAL A 15 2.23 -1.39 0.37
C VAL A 15 3.23 -0.59 1.18
N ARG A 16 2.86 -0.26 2.42
CA ARG A 16 3.73 0.51 3.30
C ARG A 16 5.12 -0.13 3.38
N ASP A 17 5.16 -1.39 3.79
CA ASP A 17 6.42 -2.12 3.90
C ASP A 17 7.24 -2.00 2.62
N GLY A 18 6.55 -2.12 1.48
CA GLY A 18 7.23 -2.03 0.20
C GLY A 18 7.75 -0.63 -0.09
N ILE A 19 6.94 0.36 0.23
CA ILE A 19 7.32 1.75 0.01
C ILE A 19 8.46 2.17 0.93
N ILE A 20 8.43 1.68 2.16
CA ILE A 20 9.46 1.99 3.14
C ILE A 20 10.73 1.20 2.88
N LYS A 21 10.57 -0.09 2.64
CA LYS A 21 11.70 -0.97 2.38
C LYS A 21 12.58 -0.41 1.26
N ALA A 22 12.07 -0.45 0.03
CA ALA A 22 12.80 0.06 -1.12
C ALA A 22 12.32 1.46 -1.49
N GLY A 23 11.05 1.56 -1.90
CA GLY A 23 10.49 2.85 -2.27
C GLY A 23 10.54 3.08 -3.77
N PRO A 24 9.71 2.35 -4.52
CA PRO A 24 9.63 2.46 -5.98
C PRO A 24 9.04 3.79 -6.43
N ALA A 25 9.01 4.00 -7.74
CA ALA A 25 8.46 5.23 -8.30
C ALA A 25 7.00 5.05 -8.69
N VAL A 26 6.69 3.92 -9.30
CA VAL A 26 5.32 3.63 -9.72
C VAL A 26 4.34 3.83 -8.57
N ALA A 27 4.73 3.39 -7.37
CA ALA A 27 3.89 3.52 -6.19
C ALA A 27 3.73 4.98 -5.80
N VAL A 28 4.85 5.66 -5.58
CA VAL A 28 4.83 7.06 -5.20
C VAL A 28 4.05 7.90 -6.20
N VAL A 29 4.19 7.56 -7.48
CA VAL A 29 3.50 8.28 -8.54
C VAL A 29 2.02 7.92 -8.58
N GLY A 30 1.74 6.63 -8.76
CA GLY A 30 0.36 6.18 -8.81
C GLY A 30 -0.44 6.60 -7.59
N GLN A 31 0.14 6.40 -6.40
CA GLN A 31 -0.53 6.76 -5.16
C GLN A 31 -0.89 8.25 -5.15
N ALA A 32 0.12 9.11 -5.16
CA ALA A 32 -0.10 10.55 -5.16
C ALA A 32 -1.04 10.96 -6.29
N ALA A 33 -0.82 10.39 -7.47
CA ALA A 33 -1.65 10.70 -8.63
C ALA A 33 -3.12 10.37 -8.37
N THR A 34 -3.35 9.17 -7.84
CA THR A 34 -4.70 8.72 -7.55
C THR A 34 -5.31 9.52 -6.40
N VAL A 35 -4.49 9.85 -5.42
CA VAL A 35 -4.94 10.63 -4.26
C VAL A 35 -5.29 12.06 -4.66
N VAL A 36 -4.46 12.65 -5.52
CA VAL A 36 -4.69 14.01 -5.98
C VAL A 36 -5.82 14.07 -7.00
N LYS A 37 -5.75 13.18 -7.99
CA LYS A 37 -6.76 13.12 -9.04
C LYS A 37 -8.00 12.38 -8.56
N ARG A 1 -10.78 -14.58 7.98
CA ARG A 1 -10.50 -13.65 6.89
C ARG A 1 -11.49 -12.49 6.90
N TRP A 2 -11.15 -11.44 7.64
CA TRP A 2 -12.00 -10.26 7.73
C TRP A 2 -11.57 -9.20 6.72
N LYS A 3 -12.54 -8.60 6.06
CA LYS A 3 -12.27 -7.57 5.07
C LYS A 3 -11.40 -6.46 5.65
N ILE A 4 -11.93 -5.78 6.67
CA ILE A 4 -11.20 -4.71 7.34
C ILE A 4 -9.84 -5.18 7.82
N PHE A 5 -9.83 -6.27 8.57
CA PHE A 5 -8.59 -6.83 9.10
C PHE A 5 -7.57 -7.04 7.98
N LYS A 6 -7.89 -7.90 7.03
CA LYS A 6 -7.01 -8.18 5.91
C LYS A 6 -6.60 -6.89 5.21
N LYS A 7 -7.57 -6.02 4.97
CA LYS A 7 -7.31 -4.75 4.30
C LYS A 7 -6.27 -3.94 5.07
N ILE A 8 -6.63 -3.49 6.27
CA ILE A 8 -5.73 -2.71 7.09
C ILE A 8 -4.38 -3.41 7.25
N GLU A 9 -4.42 -4.72 7.46
CA GLU A 9 -3.20 -5.51 7.62
C GLU A 9 -2.32 -5.42 6.38
N LYS A 10 -2.94 -5.60 5.22
CA LYS A 10 -2.22 -5.54 3.95
C LYS A 10 -1.73 -4.12 3.67
N VAL A 11 -2.66 -3.19 3.59
CA VAL A 11 -2.33 -1.79 3.33
C VAL A 11 -1.25 -1.29 4.30
N GLY A 12 -1.44 -1.58 5.58
CA GLY A 12 -0.48 -1.16 6.58
C GLY A 12 0.92 -1.71 6.32
N ARG A 13 0.97 -2.93 5.80
CA ARG A 13 2.25 -3.57 5.50
C ARG A 13 2.84 -3.04 4.20
N ASN A 14 1.96 -2.80 3.22
CA ASN A 14 2.38 -2.30 1.92
C ASN A 14 3.21 -1.02 2.07
N VAL A 15 2.61 0.00 2.69
CA VAL A 15 3.28 1.26 2.90
C VAL A 15 4.65 1.06 3.56
N ARG A 16 4.65 0.49 4.75
CA ARG A 16 5.88 0.24 5.48
C ARG A 16 6.90 -0.50 4.60
N ASP A 17 6.50 -1.66 4.10
CA ASP A 17 7.36 -2.46 3.24
C ASP A 17 7.93 -1.62 2.10
N GLY A 18 7.07 -0.78 1.51
CA GLY A 18 7.51 0.06 0.41
C GLY A 18 8.49 1.13 0.85
N ILE A 19 8.22 1.74 2.00
CA ILE A 19 9.08 2.78 2.54
C ILE A 19 10.42 2.22 2.98
N ILE A 20 10.40 1.02 3.54
CA ILE A 20 11.62 0.36 4.00
C ILE A 20 12.40 -0.22 2.83
N LYS A 21 11.71 -0.94 1.96
CA LYS A 21 12.34 -1.55 0.79
C LYS A 21 12.87 -0.48 -0.16
N ALA A 22 11.96 0.27 -0.77
CA ALA A 22 12.34 1.33 -1.70
C ALA A 22 12.46 2.67 -0.99
N GLY A 23 11.31 3.27 -0.67
CA GLY A 23 11.32 4.55 0.01
C GLY A 23 10.06 5.35 -0.27
N PRO A 24 9.94 5.88 -1.49
CA PRO A 24 8.78 6.67 -1.91
C PRO A 24 7.52 5.84 -2.04
N ALA A 25 6.66 5.88 -1.02
CA ALA A 25 5.43 5.13 -1.03
C ALA A 25 4.32 5.89 -1.76
N VAL A 26 4.36 7.22 -1.66
CA VAL A 26 3.37 8.06 -2.32
C VAL A 26 3.23 7.71 -3.80
N ALA A 27 4.35 7.40 -4.43
CA ALA A 27 4.36 7.05 -5.85
C ALA A 27 3.68 5.69 -6.07
N VAL A 28 4.19 4.66 -5.40
CA VAL A 28 3.64 3.32 -5.53
C VAL A 28 2.15 3.31 -5.19
N VAL A 29 1.77 4.11 -4.20
CA VAL A 29 0.38 4.19 -3.78
C VAL A 29 -0.46 4.98 -4.78
N GLY A 30 -0.04 6.21 -5.05
CA GLY A 30 -0.76 7.06 -5.98
C GLY A 30 -0.89 6.42 -7.35
N GLN A 31 0.23 5.95 -7.89
CA GLN A 31 0.23 5.31 -9.20
C GLN A 31 -0.72 4.12 -9.24
N ALA A 32 -0.46 3.14 -8.38
CA ALA A 32 -1.29 1.94 -8.32
C ALA A 32 -2.75 2.32 -8.10
N ALA A 33 -3.00 3.19 -7.14
CA ALA A 33 -4.37 3.62 -6.83
C ALA A 33 -5.03 4.25 -8.05
N THR A 34 -4.29 5.13 -8.73
CA THR A 34 -4.81 5.80 -9.91
C THR A 34 -5.04 4.82 -11.05
N VAL A 35 -4.13 3.86 -11.20
CA VAL A 35 -4.23 2.86 -12.25
C VAL A 35 -5.39 1.91 -11.98
N VAL A 36 -5.57 1.53 -10.72
CA VAL A 36 -6.64 0.62 -10.33
C VAL A 36 -7.99 1.33 -10.36
N LYS A 37 -8.07 2.46 -9.66
CA LYS A 37 -9.30 3.24 -9.59
C LYS A 37 -9.38 4.23 -10.75
N ARG A 1 -9.05 -15.73 10.20
CA ARG A 1 -9.09 -15.05 8.92
C ARG A 1 -10.47 -14.45 8.66
N TRP A 2 -10.56 -13.12 8.67
CA TRP A 2 -11.82 -12.44 8.43
C TRP A 2 -11.62 -11.22 7.55
N LYS A 3 -12.73 -10.58 7.16
CA LYS A 3 -12.67 -9.40 6.31
C LYS A 3 -11.71 -8.36 6.89
N ILE A 4 -12.14 -7.68 7.94
CA ILE A 4 -11.32 -6.66 8.59
C ILE A 4 -9.93 -7.20 8.92
N PHE A 5 -9.88 -8.47 9.34
CA PHE A 5 -8.61 -9.11 9.68
C PHE A 5 -7.65 -9.08 8.50
N LYS A 6 -7.97 -9.85 7.46
CA LYS A 6 -7.13 -9.92 6.28
C LYS A 6 -6.94 -8.54 5.67
N LYS A 7 -7.99 -7.73 5.72
CA LYS A 7 -7.95 -6.38 5.17
C LYS A 7 -6.89 -5.53 5.88
N ILE A 8 -7.11 -5.27 7.17
CA ILE A 8 -6.18 -4.48 7.95
C ILE A 8 -4.79 -5.12 7.96
N GLU A 9 -4.76 -6.44 8.08
CA GLU A 9 -3.50 -7.17 8.11
C GLU A 9 -2.72 -6.96 6.81
N LYS A 10 -3.38 -7.19 5.68
CA LYS A 10 -2.76 -7.03 4.37
C LYS A 10 -2.42 -5.56 4.13
N VAL A 11 -3.42 -4.70 4.20
CA VAL A 11 -3.22 -3.27 3.98
C VAL A 11 -2.10 -2.73 4.87
N GLY A 12 -2.04 -3.24 6.10
CA GLY A 12 -1.02 -2.80 7.03
C GLY A 12 0.38 -3.13 6.56
N ARG A 13 0.62 -4.41 6.25
CA ARG A 13 1.93 -4.85 5.79
C ARG A 13 2.25 -4.26 4.42
N ASN A 14 1.22 -4.11 3.60
CA ASN A 14 1.39 -3.56 2.25
C ASN A 14 2.09 -2.20 2.31
N VAL A 15 1.37 -1.20 2.81
CA VAL A 15 1.92 0.15 2.92
C VAL A 15 3.28 0.14 3.62
N ARG A 16 3.33 -0.52 4.78
CA ARG A 16 4.56 -0.60 5.56
C ARG A 16 5.71 -1.09 4.68
N ASP A 17 5.59 -2.32 4.19
CA ASP A 17 6.62 -2.92 3.34
C ASP A 17 6.91 -2.02 2.14
N GLY A 18 5.87 -1.39 1.60
CA GLY A 18 6.04 -0.52 0.45
C GLY A 18 6.90 0.69 0.77
N ILE A 19 6.62 1.33 1.90
CA ILE A 19 7.37 2.50 2.32
C ILE A 19 8.77 2.13 2.81
N ILE A 20 8.85 0.97 3.47
CA ILE A 20 10.12 0.50 4.00
C ILE A 20 11.06 0.05 2.88
N LYS A 21 10.50 -0.71 1.93
CA LYS A 21 11.28 -1.20 0.80
C LYS A 21 11.99 -0.05 0.09
N ALA A 22 11.23 0.74 -0.66
CA ALA A 22 11.79 1.87 -1.38
C ALA A 22 11.54 3.18 -0.65
N GLY A 23 10.31 3.67 -0.70
CA GLY A 23 9.96 4.91 -0.04
C GLY A 23 9.28 5.89 -0.96
N PRO A 24 10.06 6.53 -1.83
CA PRO A 24 9.54 7.51 -2.80
C PRO A 24 8.69 6.88 -3.87
N ALA A 25 9.08 5.69 -4.31
CA ALA A 25 8.34 4.97 -5.34
C ALA A 25 6.86 4.86 -4.99
N VAL A 26 6.57 4.42 -3.76
CA VAL A 26 5.19 4.28 -3.31
C VAL A 26 4.41 5.57 -3.54
N ALA A 27 5.01 6.69 -3.17
CA ALA A 27 4.36 7.99 -3.33
C ALA A 27 4.20 8.34 -4.81
N VAL A 28 5.31 8.30 -5.54
CA VAL A 28 5.29 8.61 -6.97
C VAL A 28 4.25 7.77 -7.70
N VAL A 29 4.15 6.50 -7.32
CA VAL A 29 3.19 5.59 -7.94
C VAL A 29 1.77 5.88 -7.45
N GLY A 30 1.58 5.84 -6.14
CA GLY A 30 0.27 6.09 -5.57
C GLY A 30 -0.31 7.41 -6.04
N GLN A 31 0.45 8.48 -5.89
CA GLN A 31 0.00 9.80 -6.30
C GLN A 31 -0.47 9.80 -7.75
N ALA A 32 0.46 9.54 -8.66
CA ALA A 32 0.14 9.50 -10.09
C ALA A 32 -1.05 8.59 -10.36
N ALA A 33 -0.96 7.35 -9.88
CA ALA A 33 -2.02 6.38 -10.08
C ALA A 33 -3.37 6.95 -9.63
N THR A 34 -3.39 7.55 -8.45
CA THR A 34 -4.61 8.14 -7.91
C THR A 34 -5.08 9.32 -8.75
N VAL A 35 -4.12 10.14 -9.18
CA VAL A 35 -4.43 11.31 -10.00
C VAL A 35 -5.01 10.90 -11.35
N VAL A 36 -4.45 9.84 -11.93
CA VAL A 36 -4.90 9.34 -13.22
C VAL A 36 -6.21 8.57 -13.09
N LYS A 37 -6.21 7.57 -12.22
CA LYS A 37 -7.40 6.75 -11.99
C LYS A 37 -8.34 7.42 -11.00
N ARG A 1 -14.94 -12.70 8.53
CA ARG A 1 -14.16 -12.31 9.69
C ARG A 1 -12.67 -12.29 9.38
N TRP A 2 -12.11 -13.47 9.10
CA TRP A 2 -10.70 -13.58 8.77
C TRP A 2 -10.34 -12.70 7.57
N LYS A 3 -11.32 -12.45 6.72
CA LYS A 3 -11.12 -11.63 5.54
C LYS A 3 -10.55 -10.26 5.91
N ILE A 4 -11.36 -9.47 6.63
CA ILE A 4 -10.95 -8.15 7.06
C ILE A 4 -9.60 -8.19 7.77
N PHE A 5 -9.50 -9.04 8.78
CA PHE A 5 -8.26 -9.18 9.55
C PHE A 5 -7.08 -9.43 8.62
N LYS A 6 -7.14 -10.53 7.88
CA LYS A 6 -6.07 -10.89 6.94
C LYS A 6 -5.76 -9.73 6.00
N LYS A 7 -6.83 -9.08 5.51
CA LYS A 7 -6.68 -7.95 4.60
C LYS A 7 -5.91 -6.81 5.26
N ILE A 8 -6.53 -6.21 6.27
CA ILE A 8 -5.90 -5.11 6.99
C ILE A 8 -4.49 -5.46 7.45
N GLU A 9 -4.33 -6.70 7.91
CA GLU A 9 -3.02 -7.17 8.38
C GLU A 9 -2.02 -7.22 7.23
N LYS A 10 -2.43 -7.83 6.12
CA LYS A 10 -1.58 -7.95 4.94
C LYS A 10 -1.25 -6.57 4.36
N VAL A 11 -2.29 -5.84 3.98
CA VAL A 11 -2.12 -4.51 3.42
C VAL A 11 -1.31 -3.62 4.35
N GLY A 12 -1.43 -3.87 5.65
CA GLY A 12 -0.69 -3.07 6.63
C GLY A 12 0.80 -3.25 6.52
N ARG A 13 1.26 -4.50 6.57
CA ARG A 13 2.68 -4.82 6.47
C ARG A 13 3.18 -4.62 5.04
N ASN A 14 2.31 -4.88 4.08
CA ASN A 14 2.67 -4.73 2.67
C ASN A 14 3.19 -3.34 2.38
N VAL A 15 2.35 -2.33 2.58
CA VAL A 15 2.73 -0.94 2.34
C VAL A 15 4.03 -0.60 3.06
N ARG A 16 4.06 -0.81 4.38
CA ARG A 16 5.23 -0.52 5.18
C ARG A 16 6.46 -1.20 4.59
N ASP A 17 6.42 -2.53 4.50
CA ASP A 17 7.53 -3.29 3.95
C ASP A 17 7.95 -2.75 2.59
N GLY A 18 6.96 -2.41 1.77
CA GLY A 18 7.25 -1.88 0.44
C GLY A 18 7.94 -0.54 0.50
N ILE A 19 7.47 0.35 1.37
CA ILE A 19 8.05 1.68 1.52
C ILE A 19 9.44 1.60 2.15
N ILE A 20 9.61 0.66 3.08
CA ILE A 20 10.88 0.49 3.76
C ILE A 20 11.91 -0.19 2.85
N LYS A 21 11.47 -1.23 2.15
CA LYS A 21 12.34 -1.96 1.24
C LYS A 21 12.97 -1.02 0.22
N ALA A 22 12.18 -0.58 -0.74
CA ALA A 22 12.67 0.33 -1.78
C ALA A 22 12.56 1.78 -1.33
N GLY A 23 11.33 2.31 -1.34
CA GLY A 23 11.12 3.69 -0.94
C GLY A 23 9.67 4.12 -1.10
N PRO A 24 9.43 5.44 -0.98
CA PRO A 24 8.09 6.00 -1.12
C PRO A 24 7.56 5.94 -2.54
N ALA A 25 7.03 4.78 -2.93
CA ALA A 25 6.50 4.58 -4.26
C ALA A 25 4.98 4.71 -4.27
N VAL A 26 4.32 4.12 -3.28
CA VAL A 26 2.88 4.17 -3.18
C VAL A 26 2.36 5.60 -3.28
N ALA A 27 3.15 6.54 -2.75
CA ALA A 27 2.78 7.95 -2.78
C ALA A 27 2.84 8.50 -4.21
N VAL A 28 4.03 8.47 -4.80
CA VAL A 28 4.21 8.97 -6.17
C VAL A 28 3.27 8.26 -7.14
N VAL A 29 3.04 6.97 -6.90
CA VAL A 29 2.16 6.18 -7.75
C VAL A 29 0.70 6.53 -7.52
N GLY A 30 0.26 6.42 -6.27
CA GLY A 30 -1.12 6.73 -5.94
C GLY A 30 -1.49 8.16 -6.31
N GLN A 31 -0.67 9.11 -5.86
CA GLN A 31 -0.92 10.51 -6.14
C GLN A 31 -1.01 10.76 -7.65
N ALA A 32 0.06 10.46 -8.36
CA ALA A 32 0.10 10.64 -9.80
C ALA A 32 -1.07 9.94 -10.48
N ALA A 33 -1.27 8.68 -10.12
CA ALA A 33 -2.35 7.88 -10.69
C ALA A 33 -3.71 8.54 -10.44
N THR A 34 -3.92 9.01 -9.21
CA THR A 34 -5.16 9.66 -8.84
C THR A 34 -5.33 10.99 -9.57
N VAL A 35 -4.24 11.73 -9.69
CA VAL A 35 -4.26 13.02 -10.36
C VAL A 35 -4.50 12.86 -11.86
N VAL A 36 -3.86 11.85 -12.44
CA VAL A 36 -4.01 11.57 -13.88
C VAL A 36 -5.37 10.96 -14.18
N LYS A 37 -5.71 9.90 -13.46
CA LYS A 37 -6.99 9.23 -13.64
C LYS A 37 -8.16 10.16 -13.36
N ARG A 1 -12.86 -12.72 11.99
CA ARG A 1 -13.11 -12.38 10.60
C ARG A 1 -11.80 -12.29 9.82
N TRP A 2 -11.74 -13.01 8.70
CA TRP A 2 -10.54 -13.02 7.85
C TRP A 2 -10.45 -11.74 7.03
N LYS A 3 -11.61 -11.20 6.64
CA LYS A 3 -11.66 -9.98 5.85
C LYS A 3 -10.88 -8.86 6.53
N ILE A 4 -11.38 -8.42 7.69
CA ILE A 4 -10.72 -7.35 8.44
C ILE A 4 -9.25 -7.67 8.68
N PHE A 5 -8.99 -8.87 9.19
CA PHE A 5 -7.62 -9.29 9.46
C PHE A 5 -6.74 -9.12 8.23
N LYS A 6 -7.04 -9.86 7.17
CA LYS A 6 -6.29 -9.78 5.93
C LYS A 6 -6.18 -8.34 5.44
N LYS A 7 -7.30 -7.61 5.52
CA LYS A 7 -7.32 -6.22 5.08
C LYS A 7 -6.32 -5.38 5.86
N ILE A 8 -6.58 -5.21 7.16
CA ILE A 8 -5.70 -4.44 8.02
C ILE A 8 -4.26 -4.91 7.90
N GLU A 9 -4.07 -6.23 7.86
CA GLU A 9 -2.74 -6.81 7.75
C GLU A 9 -2.06 -6.38 6.46
N LYS A 10 -2.79 -6.52 5.35
CA LYS A 10 -2.26 -6.13 4.04
C LYS A 10 -2.02 -4.64 3.96
N VAL A 11 -3.08 -3.86 4.16
CA VAL A 11 -3.00 -2.41 4.11
C VAL A 11 -1.93 -1.90 5.07
N GLY A 12 -1.73 -2.62 6.17
CA GLY A 12 -0.74 -2.22 7.15
C GLY A 12 0.68 -2.52 6.70
N ARG A 13 0.87 -3.70 6.12
CA ARG A 13 2.19 -4.11 5.64
C ARG A 13 2.57 -3.36 4.37
N ASN A 14 1.57 -3.03 3.56
CA ASN A 14 1.81 -2.31 2.31
C ASN A 14 2.62 -1.05 2.56
N VAL A 15 2.10 -0.17 3.41
CA VAL A 15 2.79 1.07 3.73
C VAL A 15 4.19 0.81 4.26
N ARG A 16 4.28 -0.01 5.31
CA ARG A 16 5.57 -0.35 5.91
C ARG A 16 6.56 -0.82 4.84
N ASP A 17 6.23 -1.95 4.22
CA ASP A 17 7.08 -2.51 3.18
C ASP A 17 7.43 -1.47 2.13
N GLY A 18 6.42 -0.74 1.66
CA GLY A 18 6.62 0.28 0.66
C GLY A 18 7.63 1.33 1.09
N ILE A 19 7.48 1.82 2.32
CA ILE A 19 8.39 2.82 2.86
C ILE A 19 9.78 2.24 3.09
N ILE A 20 9.84 1.19 3.90
CA ILE A 20 11.11 0.54 4.21
C ILE A 20 11.86 0.17 2.94
N LYS A 21 11.16 -0.45 2.00
CA LYS A 21 11.77 -0.85 0.73
C LYS A 21 12.03 0.36 -0.15
N ALA A 22 10.98 0.95 -0.69
CA ALA A 22 11.10 2.12 -1.55
C ALA A 22 11.26 3.39 -0.72
N GLY A 23 10.16 3.86 -0.14
CA GLY A 23 10.18 5.06 0.67
C GLY A 23 9.03 5.99 0.36
N PRO A 24 9.07 6.63 -0.81
CA PRO A 24 8.03 7.56 -1.24
C PRO A 24 6.70 6.86 -1.55
N ALA A 25 5.96 6.53 -0.51
CA ALA A 25 4.68 5.85 -0.68
C ALA A 25 3.71 6.69 -1.51
N VAL A 26 3.70 8.00 -1.26
CA VAL A 26 2.84 8.91 -1.99
C VAL A 26 2.99 8.73 -3.49
N ALA A 27 4.23 8.55 -3.94
CA ALA A 27 4.51 8.37 -5.36
C ALA A 27 3.96 7.03 -5.86
N VAL A 28 4.37 5.96 -5.20
CA VAL A 28 3.93 4.62 -5.58
C VAL A 28 2.39 4.53 -5.58
N VAL A 29 1.78 5.20 -4.61
CA VAL A 29 0.33 5.20 -4.49
C VAL A 29 -0.31 6.08 -5.56
N GLY A 30 0.09 7.34 -5.58
CA GLY A 30 -0.45 8.27 -6.56
C GLY A 30 -0.27 7.79 -7.99
N GLN A 31 0.96 7.41 -8.33
CA GLN A 31 1.26 6.93 -9.67
C GLN A 31 0.38 5.74 -10.03
N ALA A 32 0.49 4.67 -9.26
CA ALA A 32 -0.30 3.46 -9.51
C ALA A 32 -1.79 3.79 -9.57
N ALA A 33 -2.26 4.55 -8.59
CA ALA A 33 -3.66 4.92 -8.53
C ALA A 33 -4.08 5.68 -9.79
N THR A 34 -3.25 6.64 -10.20
CA THR A 34 -3.54 7.43 -11.39
C THR A 34 -3.49 6.57 -12.64
N VAL A 35 -2.52 5.66 -12.70
CA VAL A 35 -2.37 4.77 -13.85
C VAL A 35 -3.53 3.78 -13.94
N VAL A 36 -3.94 3.26 -12.79
CA VAL A 36 -5.05 2.31 -12.74
C VAL A 36 -6.38 3.00 -12.97
N LYS A 37 -6.58 4.14 -12.32
CA LYS A 37 -7.82 4.90 -12.46
C LYS A 37 -8.09 5.24 -13.92
N ARG A 1 -9.02 -13.94 7.98
CA ARG A 1 -9.92 -14.21 6.87
C ARG A 1 -11.15 -13.30 6.95
N TRP A 2 -10.91 -11.99 6.92
CA TRP A 2 -11.99 -11.01 6.98
C TRP A 2 -11.67 -9.80 6.12
N LYS A 3 -12.72 -9.08 5.71
CA LYS A 3 -12.54 -7.89 4.89
C LYS A 3 -11.60 -6.89 5.55
N ILE A 4 -12.09 -6.21 6.59
CA ILE A 4 -11.29 -5.24 7.31
C ILE A 4 -9.94 -5.83 7.73
N PHE A 5 -9.96 -7.09 8.14
CA PHE A 5 -8.74 -7.79 8.56
C PHE A 5 -7.71 -7.80 7.45
N LYS A 6 -8.01 -8.56 6.39
CA LYS A 6 -7.12 -8.67 5.25
C LYS A 6 -6.78 -7.29 4.68
N LYS A 7 -7.77 -6.41 4.69
CA LYS A 7 -7.60 -5.06 4.17
C LYS A 7 -6.56 -4.29 5.00
N ILE A 8 -6.91 -4.00 6.24
CA ILE A 8 -6.00 -3.27 7.14
C ILE A 8 -4.65 -3.98 7.24
N GLU A 9 -4.68 -5.31 7.27
CA GLU A 9 -3.46 -6.09 7.37
C GLU A 9 -2.61 -5.92 6.12
N LYS A 10 -3.23 -6.06 4.95
CA LYS A 10 -2.53 -5.92 3.68
C LYS A 10 -2.03 -4.49 3.49
N VAL A 11 -2.97 -3.54 3.50
CA VAL A 11 -2.63 -2.14 3.32
C VAL A 11 -1.66 -1.67 4.40
N GLY A 12 -1.73 -2.29 5.57
CA GLY A 12 -0.85 -1.91 6.65
C GLY A 12 0.58 -2.36 6.42
N ARG A 13 0.73 -3.57 5.90
CA ARG A 13 2.07 -4.12 5.63
C ARG A 13 2.62 -3.56 4.32
N ASN A 14 1.73 -3.31 3.36
CA ASN A 14 2.12 -2.79 2.06
C ASN A 14 2.93 -1.50 2.22
N VAL A 15 2.29 -0.48 2.79
CA VAL A 15 2.93 0.81 3.00
C VAL A 15 4.27 0.64 3.72
N ARG A 16 4.22 0.02 4.90
CA ARG A 16 5.42 -0.21 5.69
C ARG A 16 6.51 -0.87 4.85
N ASP A 17 6.22 -2.05 4.33
CA ASP A 17 7.18 -2.79 3.51
C ASP A 17 7.70 -1.91 2.38
N GLY A 18 6.81 -1.13 1.76
CA GLY A 18 7.21 -0.28 0.67
C GLY A 18 8.15 0.83 1.12
N ILE A 19 7.84 1.45 2.26
CA ILE A 19 8.66 2.51 2.80
C ILE A 19 10.00 1.98 3.30
N ILE A 20 9.98 0.77 3.86
CA ILE A 20 11.19 0.15 4.39
C ILE A 20 12.07 -0.35 3.26
N LYS A 21 11.46 -1.00 2.27
CA LYS A 21 12.19 -1.54 1.13
C LYS A 21 12.82 -0.42 0.31
N ALA A 22 12.00 0.31 -0.43
CA ALA A 22 12.48 1.42 -1.25
C ALA A 22 12.28 2.75 -0.53
N GLY A 23 11.04 3.23 -0.51
CA GLY A 23 10.75 4.49 0.14
C GLY A 23 9.82 5.36 -0.69
N PRO A 24 10.33 5.88 -1.81
CA PRO A 24 9.56 6.75 -2.70
C PRO A 24 8.48 5.99 -3.45
N ALA A 25 8.59 4.66 -3.47
CA ALA A 25 7.61 3.82 -4.14
C ALA A 25 6.20 4.11 -3.64
N VAL A 26 6.10 4.59 -2.41
CA VAL A 26 4.80 4.91 -1.81
C VAL A 26 3.99 5.82 -2.73
N ALA A 27 4.56 6.98 -3.05
CA ALA A 27 3.88 7.94 -3.91
C ALA A 27 3.49 7.30 -5.23
N VAL A 28 4.44 6.63 -5.88
CA VAL A 28 4.19 5.97 -7.15
C VAL A 28 3.04 4.98 -7.04
N VAL A 29 3.22 3.95 -6.23
CA VAL A 29 2.20 2.93 -6.03
C VAL A 29 0.86 3.56 -5.67
N GLY A 30 0.87 4.42 -4.65
CA GLY A 30 -0.34 5.09 -4.22
C GLY A 30 -1.02 5.84 -5.35
N GLN A 31 -0.31 6.81 -5.92
CA GLN A 31 -0.85 7.61 -7.01
C GLN A 31 -1.38 6.73 -8.12
N ALA A 32 -0.52 5.86 -8.64
CA ALA A 32 -0.91 4.94 -9.72
C ALA A 32 -2.15 4.15 -9.35
N ALA A 33 -2.07 3.41 -8.25
CA ALA A 33 -3.20 2.60 -7.79
C ALA A 33 -4.46 3.45 -7.67
N THR A 34 -4.32 4.65 -7.11
CA THR A 34 -5.45 5.55 -6.95
C THR A 34 -6.02 5.98 -8.29
N VAL A 35 -5.14 6.31 -9.22
CA VAL A 35 -5.55 6.74 -10.56
C VAL A 35 -6.20 5.59 -11.33
N VAL A 36 -5.66 4.38 -11.15
CA VAL A 36 -6.19 3.21 -11.82
C VAL A 36 -7.51 2.76 -11.21
N LYS A 37 -7.50 2.49 -9.91
CA LYS A 37 -8.69 2.06 -9.20
C LYS A 37 -9.82 3.07 -9.39
#